data_6A2P
#
_entry.id   6A2P
#
_cell.length_a   59.243
_cell.length_b   158.900
_cell.length_c   167.600
_cell.angle_alpha   90.000
_cell.angle_beta   90.000
_cell.angle_gamma   90.000
#
_symmetry.space_group_name_H-M   'P 21 21 21'
#
loop_
_entity.id
_entity.type
_entity.pdbx_description
1 polymer 'Bifunctional dihydrofolate reductase-thymidylate synthase'
2 non-polymer "5,5'-[propane-1,3-diylbis(oxy-4,1-phenylene)]bis(6-ethylpyrimidine-2,4-diamine)"
3 non-polymer 'NADP NICOTINAMIDE-ADENINE-DINUCLEOTIDE PHOSPHATE'
4 non-polymer "2'-DEOXYURIDINE 5'-MONOPHOSPHATE"
5 water water
#
_entity_poly.entity_id   1
_entity_poly.type   'polypeptide(L)'
_entity_poly.pdbx_seq_one_letter_code
;MMEQVCDVFDIYAICACCKVESKNEGKKNEVFNNYTFRGLGNKGVLPWKCISLDMKYFRAVTTYVNESKYEKLKYKRCKY
LNKETVDNVNDMPNSKKLQNVVVMGRTNWESIPKKFKPLSNRINVILSRTLKKEDFDEDVYIINKVEDLIVLLGKLNYYK
CFILGGSVVYQEFLEKKLIKKIYFTRINSTYECDVFFPEINENEYQIISVSDVYTSNNTTLDFIIYKKTNNKMLNEQNCI
KGEEKNNDMPLKNDDKDTCHMKKLTEFYKNVDKYKINYENDDDDEEEDDFVYFNFNKEKEEKNKNSIHPNDFQIYNSLKY
KYHPEYQYLNIIYDIMMNGNKQSDRTGVGVLSKFGYIMKFDLSQYFPLLTTKKLFLRGIIEELLWFIRGETNGNTLLNKN
VRIWEANGTREFLDNRKLFHREVNDLGPIYGFQWRHFGAEYTNMYDNYENKGVDQLKNIINLIKNDPTSRRILLCAWNVK
DLDQMALPPCHILCQFYVFDGKLSCIMYQRSCDLGLGVPFNIASYSIFTHMIAQVCNLQPAQFIHVLGNAHVYNNHIDSL
KIQLNRIPYPFPTLKLNPDIKNIEDFTISDFTIQNYVHHEKISMDMAA
;
_entity_poly.pdbx_strand_id   A,B
#
loop_
_chem_comp.id
_chem_comp.type
_chem_comp.name
_chem_comp.formula
9RR non-polymer 5,5'-[propane-1,3-diylbis(oxy-4,1-phenylene)]bis(6-ethylpyrimidine-2,4-diamine) 'C27 H32 N8 O2'
NAP non-polymer 'NADP NICOTINAMIDE-ADENINE-DINUCLEOTIDE PHOSPHATE' 'C21 H28 N7 O17 P3'
UMP non-polymer '2'-DEOXYURIDINE 5'-MONOPHOSPHATE' 'C9 H13 N2 O8 P'
#
# COMPACT_ATOMS: atom_id res chain seq x y z
N MET A 1 -33.44 2.00 22.50
CA MET A 1 -32.53 1.04 23.25
C MET A 1 -33.17 -0.37 23.27
N MET A 2 -34.45 -0.44 23.66
CA MET A 2 -35.20 -1.70 23.72
C MET A 2 -35.27 -2.40 22.34
N GLU A 3 -35.23 -3.74 22.36
CA GLU A 3 -34.94 -4.60 21.19
C GLU A 3 -36.07 -4.52 20.14
N GLN A 4 -35.65 -4.29 18.89
CA GLN A 4 -36.57 -4.33 17.75
C GLN A 4 -36.41 -5.65 16.99
N VAL A 5 -37.49 -6.03 16.35
CA VAL A 5 -37.62 -7.33 15.77
C VAL A 5 -36.37 -7.58 14.89
N CYS A 6 -36.14 -6.69 13.93
CA CYS A 6 -35.13 -6.94 12.86
C CYS A 6 -33.75 -7.25 13.46
N ASP A 7 -33.44 -6.84 14.70
CA ASP A 7 -32.13 -7.17 15.26
C ASP A 7 -32.18 -8.62 15.72
N VAL A 8 -33.33 -8.99 16.24
CA VAL A 8 -33.38 -10.24 16.96
C VAL A 8 -33.25 -11.37 15.94
N PHE A 9 -33.97 -11.20 14.85
CA PHE A 9 -34.19 -12.25 13.90
C PHE A 9 -33.41 -12.01 12.60
N ASP A 10 -32.57 -10.96 12.59
CA ASP A 10 -31.53 -10.66 11.54
C ASP A 10 -32.16 -10.70 10.15
N ILE A 11 -33.12 -9.83 9.95
CA ILE A 11 -33.83 -9.65 8.70
C ILE A 11 -33.08 -8.60 7.90
N TYR A 12 -32.86 -8.88 6.62
CA TYR A 12 -32.10 -8.08 5.67
C TYR A 12 -32.81 -8.13 4.32
N ALA A 13 -32.59 -7.14 3.49
CA ALA A 13 -33.19 -7.12 2.16
C ALA A 13 -32.03 -7.17 1.16
N ILE A 14 -32.23 -7.78 -0.02
CA ILE A 14 -31.17 -7.84 -1.03
C ILE A 14 -31.82 -7.60 -2.40
N CYS A 15 -31.30 -6.59 -3.10
CA CYS A 15 -31.82 -6.24 -4.42
C CYS A 15 -30.68 -5.98 -5.40
N ALA A 16 -31.09 -6.01 -6.67
CA ALA A 16 -30.34 -5.55 -7.83
C ALA A 16 -31.22 -4.58 -8.62
N CYS A 17 -30.77 -3.34 -8.76
CA CYS A 17 -31.50 -2.25 -9.45
C CYS A 17 -30.69 -1.64 -10.61
N CYS A 18 -31.27 -1.56 -11.81
CA CYS A 18 -30.68 -0.90 -12.96
C CYS A 18 -31.19 0.56 -13.09
N LYS A 19 -30.81 1.25 -14.16
CA LYS A 19 -31.30 2.63 -14.38
C LYS A 19 -32.49 2.57 -15.35
N VAL A 20 -33.40 3.55 -15.34
CA VAL A 20 -34.70 3.37 -16.07
C VAL A 20 -34.86 4.36 -17.23
N GLU A 21 -35.01 3.77 -18.42
CA GLU A 21 -35.42 4.45 -19.65
C GLU A 21 -36.45 5.56 -19.37
N SER A 22 -36.03 6.81 -19.48
CA SER A 22 -36.97 7.95 -19.59
C SER A 22 -36.63 8.76 -20.86
N LYS A 23 -37.67 9.06 -21.64
CA LYS A 23 -37.58 9.91 -22.83
C LYS A 23 -37.89 11.35 -22.39
N ASN A 24 -37.29 12.33 -23.08
CA ASN A 24 -37.51 13.80 -22.86
C ASN A 24 -36.93 14.26 -21.51
N GLU A 25 -36.33 13.32 -20.73
CA GLU A 25 -35.48 13.65 -19.53
C GLU A 25 -34.00 13.67 -19.98
N GLY A 26 -33.74 14.69 -20.86
CA GLY A 26 -32.50 14.99 -21.59
C GLY A 26 -31.25 14.50 -20.88
N LYS A 27 -30.54 13.59 -21.54
CA LYS A 27 -29.25 13.06 -21.06
C LYS A 27 -28.21 14.21 -21.09
N LYS A 28 -28.59 15.41 -21.58
CA LYS A 28 -27.72 16.59 -21.64
C LYS A 28 -27.50 17.16 -20.22
N ASN A 29 -28.56 17.28 -19.42
CA ASN A 29 -28.42 17.88 -18.07
C ASN A 29 -29.03 16.99 -16.99
N GLU A 30 -28.82 15.68 -17.15
CA GLU A 30 -29.36 14.67 -16.24
C GLU A 30 -28.75 14.94 -14.87
N VAL A 31 -29.61 15.02 -13.86
CA VAL A 31 -29.15 15.09 -12.49
C VAL A 31 -29.18 13.65 -11.96
N PHE A 32 -28.24 13.27 -11.08
CA PHE A 32 -28.15 11.93 -10.62
C PHE A 32 -28.22 11.88 -9.09
N ASN A 33 -28.82 10.81 -8.56
CA ASN A 33 -28.91 10.61 -7.11
C ASN A 33 -28.95 9.09 -6.78
N ASN A 34 -29.20 8.75 -5.50
CA ASN A 34 -29.29 7.31 -5.07
C ASN A 34 -30.45 6.64 -5.83
N TYR A 35 -31.56 7.35 -5.93
CA TYR A 35 -32.78 6.89 -6.67
C TYR A 35 -32.52 6.67 -8.18
N THR A 36 -31.37 7.05 -8.75
CA THR A 36 -31.10 6.81 -10.23
C THR A 36 -31.18 5.29 -10.50
N PHE A 37 -30.72 4.56 -9.48
CA PHE A 37 -30.75 3.12 -9.50
C PHE A 37 -32.00 2.60 -8.77
N ARG A 38 -32.94 2.05 -9.57
CA ARG A 38 -34.26 1.67 -9.02
C ARG A 38 -35.03 0.65 -9.90
N GLY A 39 -34.47 0.12 -10.95
CA GLY A 39 -35.21 -0.80 -11.79
C GLY A 39 -35.09 -2.24 -11.32
N LEU A 40 -36.23 -2.86 -10.89
CA LEU A 40 -36.24 -4.27 -10.37
C LEU A 40 -36.65 -5.26 -11.43
N GLY A 41 -37.55 -4.89 -12.33
CA GLY A 41 -38.03 -5.89 -13.29
C GLY A 41 -38.71 -5.24 -14.46
N ASN A 42 -38.93 -6.08 -15.46
CA ASN A 42 -39.78 -5.72 -16.59
C ASN A 42 -40.50 -6.94 -17.18
N LYS A 43 -41.84 -6.78 -17.45
CA LYS A 43 -42.82 -7.86 -17.90
C LYS A 43 -42.58 -9.18 -17.14
N GLY A 44 -42.50 -9.11 -15.81
CA GLY A 44 -42.35 -10.30 -14.98
C GLY A 44 -41.02 -11.02 -15.15
N VAL A 45 -40.01 -10.43 -15.78
CA VAL A 45 -38.68 -10.98 -15.69
C VAL A 45 -37.70 -9.83 -15.33
N LEU A 46 -36.42 -10.18 -15.19
CA LEU A 46 -35.44 -9.18 -14.83
C LEU A 46 -35.30 -8.22 -16.02
N PRO A 47 -34.84 -7.00 -15.75
CA PRO A 47 -34.69 -6.02 -16.83
C PRO A 47 -33.67 -6.45 -17.89
N TRP A 48 -32.77 -7.39 -17.58
CA TRP A 48 -31.55 -7.65 -18.33
C TRP A 48 -31.46 -9.14 -18.61
N LYS A 49 -30.77 -9.53 -19.65
CA LYS A 49 -30.79 -10.90 -20.00
C LYS A 49 -30.04 -11.71 -18.92
N CYS A 50 -28.79 -11.40 -18.63
CA CYS A 50 -28.03 -12.16 -17.61
C CYS A 50 -26.79 -11.40 -17.19
N ILE A 51 -26.86 -10.86 -15.99
CA ILE A 51 -25.70 -10.33 -15.39
C ILE A 51 -25.17 -11.31 -14.34
N SER A 52 -24.26 -12.17 -14.79
CA SER A 52 -23.94 -13.34 -14.00
C SER A 52 -23.24 -12.99 -12.67
N LEU A 53 -22.49 -11.90 -12.58
CA LEU A 53 -21.80 -11.57 -11.32
C LEU A 53 -22.81 -11.19 -10.20
N ASP A 54 -24.00 -10.69 -10.51
CA ASP A 54 -24.99 -10.39 -9.48
C ASP A 54 -25.64 -11.70 -8.98
N MET A 55 -25.86 -12.64 -9.90
CA MET A 55 -26.36 -13.98 -9.61
C MET A 55 -25.41 -14.69 -8.64
N LYS A 56 -24.14 -14.68 -8.97
CA LYS A 56 -23.11 -15.27 -8.09
C LYS A 56 -23.06 -14.48 -6.75
N TYR A 57 -23.16 -13.14 -6.76
CA TYR A 57 -23.07 -12.38 -5.50
C TYR A 57 -24.25 -12.82 -4.61
N PHE A 58 -25.40 -12.90 -5.28
CA PHE A 58 -26.67 -13.13 -4.65
C PHE A 58 -26.77 -14.51 -3.95
N ARG A 59 -26.24 -15.53 -4.60
CA ARG A 59 -26.19 -16.88 -4.10
C ARG A 59 -25.21 -16.98 -2.91
N ALA A 60 -24.16 -16.18 -2.96
CA ALA A 60 -23.12 -16.13 -1.93
C ALA A 60 -23.67 -15.52 -0.64
N VAL A 61 -24.30 -14.37 -0.74
CA VAL A 61 -24.88 -13.73 0.46
C VAL A 61 -26.00 -14.61 1.00
N THR A 62 -26.94 -15.04 0.15
CA THR A 62 -28.15 -15.65 0.64
C THR A 62 -27.91 -17.10 1.10
N THR A 63 -26.80 -17.76 0.74
CA THR A 63 -26.65 -19.11 1.24
C THR A 63 -25.55 -19.22 2.31
N TYR A 64 -24.86 -18.15 2.67
CA TYR A 64 -23.72 -18.27 3.54
C TYR A 64 -24.20 -18.24 4.98
N VAL A 65 -23.55 -19.08 5.83
CA VAL A 65 -23.81 -19.25 7.29
C VAL A 65 -22.49 -19.46 8.03
N ASN A 66 -22.51 -19.08 9.30
CA ASN A 66 -21.40 -19.30 10.23
C ASN A 66 -21.89 -20.11 11.44
N GLU A 67 -21.71 -21.41 11.39
CA GLU A 67 -22.16 -22.34 12.43
C GLU A 67 -21.66 -21.83 13.79
N SER A 68 -20.39 -21.47 13.85
CA SER A 68 -19.80 -21.10 15.12
C SER A 68 -20.37 -19.77 15.59
N LYS A 69 -21.19 -19.07 14.81
CA LYS A 69 -21.91 -17.91 15.36
C LYS A 69 -23.37 -18.27 15.69
N TYR A 70 -23.82 -19.50 15.44
CA TYR A 70 -25.27 -19.80 15.58
C TYR A 70 -25.68 -19.67 17.05
N GLU A 71 -24.91 -20.28 17.96
CA GLU A 71 -25.24 -20.32 19.41
C GLU A 71 -25.62 -18.91 19.91
N LYS A 72 -24.86 -17.88 19.50
CA LYS A 72 -25.04 -16.47 19.94
C LYS A 72 -26.41 -15.95 19.51
N LEU A 73 -26.75 -16.24 18.27
CA LEU A 73 -28.02 -15.78 17.69
C LEU A 73 -29.18 -16.52 18.35
N LYS A 74 -29.00 -17.79 18.65
CA LYS A 74 -30.04 -18.56 19.37
C LYS A 74 -30.25 -17.97 20.79
N TYR A 75 -29.18 -17.82 21.60
CA TYR A 75 -29.33 -17.25 22.95
C TYR A 75 -30.10 -15.91 22.80
N LYS A 76 -29.53 -14.95 22.06
CA LYS A 76 -30.13 -13.63 21.82
C LYS A 76 -31.63 -13.73 21.49
N ARG A 77 -32.06 -14.79 20.79
CA ARG A 77 -33.48 -14.95 20.30
C ARG A 77 -34.36 -15.67 21.35
N CYS A 78 -33.78 -16.66 22.02
CA CYS A 78 -34.50 -17.32 23.09
C CYS A 78 -34.66 -16.31 24.24
N LYS A 79 -33.61 -15.58 24.61
CA LYS A 79 -33.70 -14.59 25.69
C LYS A 79 -34.73 -13.51 25.34
N TYR A 80 -35.08 -13.34 24.07
CA TYR A 80 -36.08 -12.31 23.72
C TYR A 80 -37.47 -12.87 24.02
N LEU A 81 -37.70 -14.17 23.82
CA LEU A 81 -39.07 -14.72 23.86
C LEU A 81 -39.36 -15.33 25.23
N ASN A 82 -38.47 -15.13 26.21
CA ASN A 82 -38.62 -15.64 27.58
C ASN A 82 -38.68 -17.18 27.55
N LYS A 83 -38.06 -17.74 26.52
CA LYS A 83 -37.89 -19.19 26.32
C LYS A 83 -36.46 -19.54 26.77
N GLU A 84 -35.96 -20.73 26.38
CA GLU A 84 -34.51 -21.12 26.45
C GLU A 84 -34.29 -22.43 25.66
N THR A 85 -33.01 -22.79 25.44
CA THR A 85 -32.56 -24.15 24.96
C THR A 85 -33.15 -24.42 23.56
N LYS A 96 -29.58 -31.66 10.15
CA LYS A 96 -28.94 -31.25 8.88
C LYS A 96 -28.30 -29.85 9.03
N LYS A 97 -27.83 -29.29 7.91
CA LYS A 97 -26.99 -28.08 7.91
C LYS A 97 -27.84 -26.86 8.32
N LEU A 98 -27.27 -25.94 9.11
CA LEU A 98 -27.87 -24.57 9.30
C LEU A 98 -28.07 -23.84 7.96
N GLN A 99 -29.24 -23.33 7.72
CA GLN A 99 -29.50 -22.58 6.50
C GLN A 99 -30.02 -21.19 6.83
N ASN A 100 -29.92 -20.31 5.86
CA ASN A 100 -30.69 -19.05 5.86
C ASN A 100 -32.13 -19.28 5.38
N VAL A 101 -33.02 -18.44 5.85
CA VAL A 101 -34.33 -18.25 5.30
C VAL A 101 -34.29 -17.15 4.22
N VAL A 102 -35.11 -17.33 3.19
CA VAL A 102 -35.37 -16.31 2.15
C VAL A 102 -36.90 -16.14 1.98
N VAL A 103 -37.31 -14.92 1.79
CA VAL A 103 -38.68 -14.59 1.73
C VAL A 103 -38.92 -13.82 0.44
N MET A 104 -39.99 -14.14 -0.24
CA MET A 104 -40.31 -13.45 -1.45
C MET A 104 -41.83 -13.37 -1.63
N GLY A 105 -42.27 -12.45 -2.46
CA GLY A 105 -43.66 -12.28 -2.76
C GLY A 105 -44.09 -13.30 -3.78
N ARG A 106 -45.37 -13.29 -4.07
CA ARG A 106 -45.97 -14.31 -4.94
C ARG A 106 -45.52 -14.06 -6.37
N THR A 107 -45.43 -12.78 -6.73
CA THR A 107 -45.15 -12.50 -8.11
C THR A 107 -43.74 -12.99 -8.39
N ASN A 108 -42.84 -12.61 -7.47
CA ASN A 108 -41.44 -13.00 -7.59
C ASN A 108 -41.33 -14.51 -7.76
N TRP A 109 -42.03 -15.24 -6.89
CA TRP A 109 -41.92 -16.70 -6.91
C TRP A 109 -42.45 -17.22 -8.23
N GLU A 110 -43.61 -16.74 -8.64
CA GLU A 110 -44.24 -17.19 -9.93
C GLU A 110 -43.31 -16.86 -11.12
N SER A 111 -42.40 -15.87 -11.02
CA SER A 111 -41.48 -15.55 -12.14
C SER A 111 -40.21 -16.41 -12.11
N ILE A 112 -40.02 -17.26 -11.10
CA ILE A 112 -38.80 -18.05 -11.10
C ILE A 112 -39.14 -19.41 -11.71
N PRO A 113 -38.35 -19.88 -12.67
CA PRO A 113 -38.59 -21.17 -13.31
C PRO A 113 -38.56 -22.35 -12.33
N LYS A 114 -39.48 -23.31 -12.54
CA LYS A 114 -39.59 -24.55 -11.72
C LYS A 114 -38.22 -25.14 -11.41
N LYS A 115 -37.35 -25.24 -12.41
CA LYS A 115 -36.08 -25.97 -12.23
C LYS A 115 -35.18 -25.29 -11.21
N PHE A 116 -35.53 -24.11 -10.66
CA PHE A 116 -34.70 -23.38 -9.66
C PHE A 116 -35.41 -23.27 -8.30
N LYS A 117 -36.73 -23.44 -8.25
CA LYS A 117 -37.50 -23.44 -7.02
C LYS A 117 -37.64 -24.86 -6.49
N PRO A 118 -37.76 -25.05 -5.16
CA PRO A 118 -37.43 -24.03 -4.13
C PRO A 118 -35.91 -23.71 -4.15
N LEU A 119 -35.53 -22.51 -3.75
CA LEU A 119 -34.07 -22.10 -3.88
C LEU A 119 -33.18 -23.06 -3.08
N SER A 120 -32.21 -23.65 -3.72
CA SER A 120 -31.30 -24.56 -3.08
C SER A 120 -30.73 -23.96 -1.81
N ASN A 121 -30.59 -24.82 -0.80
CA ASN A 121 -29.83 -24.66 0.44
C ASN A 121 -30.37 -23.51 1.25
N ARG A 122 -31.64 -23.19 1.09
CA ARG A 122 -32.30 -22.06 1.80
C ARG A 122 -33.74 -22.44 2.12
N ILE A 123 -34.18 -22.00 3.29
CA ILE A 123 -35.53 -22.20 3.69
C ILE A 123 -36.40 -21.19 2.95
N ASN A 124 -37.17 -21.62 1.93
CA ASN A 124 -37.98 -20.67 1.11
C ASN A 124 -39.31 -20.37 1.83
N VAL A 125 -39.76 -19.11 1.81
CA VAL A 125 -40.97 -18.60 2.46
C VAL A 125 -41.67 -17.60 1.52
N ILE A 126 -42.95 -17.85 1.19
CA ILE A 126 -43.72 -16.93 0.32
C ILE A 126 -44.73 -16.15 1.16
N LEU A 127 -44.91 -14.88 0.78
CA LEU A 127 -45.94 -13.96 1.29
C LEU A 127 -47.05 -13.92 0.24
N SER A 128 -48.32 -14.02 0.64
CA SER A 128 -49.39 -14.21 -0.30
C SER A 128 -50.73 -14.19 0.44
N ARG A 129 -51.62 -13.30 0.05
CA ARG A 129 -52.94 -13.29 0.65
C ARG A 129 -53.80 -14.34 -0.02
N THR A 130 -53.66 -14.41 -1.35
CA THR A 130 -54.55 -15.22 -2.15
C THR A 130 -54.08 -16.67 -2.04
N LEU A 131 -52.90 -17.00 -2.53
CA LEU A 131 -52.50 -18.41 -2.74
C LEU A 131 -52.35 -19.09 -1.38
N LYS A 132 -52.35 -20.44 -1.39
CA LYS A 132 -52.38 -21.21 -0.12
C LYS A 132 -51.70 -22.59 -0.28
N LYS A 133 -51.43 -23.26 0.88
CA LYS A 133 -50.39 -24.35 1.00
C LYS A 133 -50.79 -25.66 0.32
N GLU A 134 -52.07 -25.96 0.22
CA GLU A 134 -52.56 -27.17 -0.49
C GLU A 134 -52.23 -27.01 -1.99
N ASP A 135 -52.06 -25.78 -2.45
CA ASP A 135 -51.69 -25.51 -3.84
C ASP A 135 -50.18 -25.65 -4.11
N PHE A 136 -49.35 -26.09 -3.17
CA PHE A 136 -47.94 -26.23 -3.47
C PHE A 136 -47.46 -27.66 -3.25
N ASP A 137 -46.96 -28.31 -4.30
CA ASP A 137 -46.17 -29.54 -4.13
C ASP A 137 -44.92 -29.30 -3.25
N GLU A 138 -44.31 -28.14 -3.35
CA GLU A 138 -42.92 -27.90 -2.97
C GLU A 138 -42.75 -27.72 -1.46
N ASP A 139 -41.53 -27.99 -1.02
CA ASP A 139 -41.14 -27.75 0.36
C ASP A 139 -40.93 -26.25 0.61
N VAL A 140 -41.98 -25.60 1.08
CA VAL A 140 -42.01 -24.16 1.20
C VAL A 140 -43.06 -23.78 2.24
N TYR A 141 -42.80 -22.69 2.94
CA TYR A 141 -43.67 -22.14 3.94
C TYR A 141 -44.49 -21.03 3.27
N ILE A 142 -45.82 -21.07 3.45
CA ILE A 142 -46.70 -19.98 3.04
C ILE A 142 -47.12 -19.20 4.30
N ILE A 143 -47.21 -17.88 4.18
CA ILE A 143 -47.62 -16.98 5.26
C ILE A 143 -48.49 -15.89 4.63
N ASN A 144 -49.39 -15.24 5.37
CA ASN A 144 -50.25 -14.20 4.78
C ASN A 144 -50.27 -12.94 5.68
N LYS A 145 -49.30 -12.77 6.56
CA LYS A 145 -49.08 -11.46 7.19
C LYS A 145 -47.62 -11.38 7.64
N VAL A 146 -47.04 -10.25 7.44
CA VAL A 146 -45.68 -10.10 7.91
C VAL A 146 -45.62 -10.57 9.38
N GLU A 147 -46.72 -10.48 10.12
CA GLU A 147 -46.67 -10.84 11.55
C GLU A 147 -46.24 -12.30 11.68
N ASP A 148 -46.78 -13.12 10.76
CA ASP A 148 -46.63 -14.61 10.72
C ASP A 148 -45.18 -15.05 10.45
N LEU A 149 -44.36 -14.15 9.90
CA LEU A 149 -42.97 -14.44 9.61
C LEU A 149 -42.23 -14.37 10.92
N ILE A 150 -42.58 -13.38 11.71
CA ILE A 150 -41.96 -13.33 13.02
C ILE A 150 -42.26 -14.61 13.80
N VAL A 151 -43.52 -15.09 13.77
CA VAL A 151 -43.83 -16.19 14.59
C VAL A 151 -42.98 -17.35 14.09
N LEU A 152 -42.96 -17.52 12.78
CA LEU A 152 -42.21 -18.61 12.12
C LEU A 152 -40.70 -18.56 12.46
N LEU A 153 -40.07 -17.39 12.36
CA LEU A 153 -38.64 -17.31 12.61
C LEU A 153 -38.36 -17.76 14.04
N GLY A 154 -39.28 -17.43 14.94
CA GLY A 154 -39.26 -17.90 16.35
C GLY A 154 -39.10 -19.40 16.43
N LYS A 155 -39.73 -20.12 15.51
CA LYS A 155 -39.79 -21.54 15.66
C LYS A 155 -38.61 -22.19 14.96
N LEU A 156 -38.16 -21.62 13.87
CA LEU A 156 -37.20 -22.35 13.02
C LEU A 156 -35.80 -22.15 13.57
N ASN A 157 -34.90 -23.08 13.22
CA ASN A 157 -33.48 -22.91 13.38
C ASN A 157 -32.90 -22.33 12.08
N TYR A 158 -32.46 -21.07 12.11
CA TYR A 158 -31.88 -20.45 10.93
C TYR A 158 -30.81 -19.42 11.32
N TYR A 159 -29.89 -19.17 10.40
CA TYR A 159 -28.82 -18.12 10.56
C TYR A 159 -29.48 -16.75 10.32
N LYS A 160 -29.76 -16.43 9.07
CA LYS A 160 -30.25 -15.12 8.73
C LYS A 160 -31.45 -15.20 7.78
N CYS A 161 -32.20 -14.12 7.79
CA CYS A 161 -33.38 -14.06 6.95
C CYS A 161 -33.15 -13.02 5.86
N PHE A 162 -33.44 -13.29 4.60
CA PHE A 162 -33.28 -12.33 3.52
C PHE A 162 -34.60 -12.11 2.79
N ILE A 163 -35.01 -10.85 2.58
CA ILE A 163 -36.18 -10.49 1.77
C ILE A 163 -35.74 -10.32 0.30
N LEU A 164 -36.14 -11.21 -0.61
CA LEU A 164 -35.59 -11.19 -1.98
C LEU A 164 -36.45 -10.32 -2.88
N GLY A 165 -37.40 -9.67 -2.26
CA GLY A 165 -38.18 -8.70 -2.94
C GLY A 165 -39.53 -9.19 -3.46
N GLY A 166 -39.87 -8.50 -4.53
CA GLY A 166 -41.11 -7.96 -4.80
C GLY A 166 -41.02 -6.50 -4.43
N SER A 167 -41.26 -5.64 -5.42
CA SER A 167 -41.53 -4.21 -5.15
C SER A 167 -42.36 -4.06 -3.87
N VAL A 168 -43.49 -4.80 -3.81
CA VAL A 168 -44.41 -4.56 -2.72
C VAL A 168 -43.80 -5.06 -1.42
N VAL A 169 -43.21 -6.25 -1.44
CA VAL A 169 -42.63 -6.77 -0.22
C VAL A 169 -41.54 -5.81 0.28
N TYR A 170 -40.66 -5.32 -0.60
CA TYR A 170 -39.61 -4.43 -0.10
C TYR A 170 -40.26 -3.25 0.67
N GLN A 171 -41.26 -2.64 0.02
CA GLN A 171 -42.04 -1.45 0.50
C GLN A 171 -42.40 -1.60 1.98
N GLU A 172 -43.18 -2.64 2.27
CA GLU A 172 -43.76 -2.74 3.60
C GLU A 172 -42.73 -3.24 4.62
N PHE A 173 -41.79 -4.07 4.25
CA PHE A 173 -40.73 -4.37 5.21
C PHE A 173 -39.89 -3.14 5.52
N LEU A 174 -39.82 -2.19 4.59
CA LEU A 174 -39.10 -0.94 4.84
C LEU A 174 -39.99 0.03 5.63
N GLU A 175 -41.27 0.18 5.25
CA GLU A 175 -42.27 0.98 5.99
C GLU A 175 -42.22 0.67 7.50
N LYS A 176 -42.31 -0.63 7.86
CA LYS A 176 -42.31 -1.17 9.27
C LYS A 176 -40.90 -1.34 9.85
N LYS A 177 -39.87 -0.72 9.26
CA LYS A 177 -38.52 -0.76 9.83
C LYS A 177 -38.08 -2.20 10.16
N LEU A 178 -38.43 -3.20 9.35
CA LEU A 178 -38.02 -4.60 9.69
C LEU A 178 -36.67 -4.94 9.04
N ILE A 179 -36.19 -4.13 8.10
CA ILE A 179 -34.90 -4.39 7.41
C ILE A 179 -33.78 -3.70 8.20
N LYS A 180 -32.82 -4.50 8.61
CA LYS A 180 -31.62 -4.10 9.36
C LYS A 180 -30.50 -3.73 8.37
N LYS A 181 -30.50 -4.28 7.16
CA LYS A 181 -29.57 -3.76 6.16
C LYS A 181 -30.06 -4.16 4.77
N ILE A 182 -29.82 -3.26 3.80
CA ILE A 182 -30.04 -3.53 2.40
C ILE A 182 -28.71 -3.80 1.72
N TYR A 183 -28.68 -4.86 0.93
CA TYR A 183 -27.54 -5.28 0.18
C TYR A 183 -27.90 -5.01 -1.27
N PHE A 184 -27.50 -3.86 -1.76
CA PHE A 184 -27.99 -3.26 -3.00
C PHE A 184 -26.94 -3.38 -4.12
N THR A 185 -27.27 -4.05 -5.21
CA THR A 185 -26.43 -4.10 -6.41
C THR A 185 -26.79 -2.92 -7.33
N ARG A 186 -25.84 -2.00 -7.61
CA ARG A 186 -26.17 -0.94 -8.59
C ARG A 186 -25.74 -1.41 -9.97
N ILE A 187 -26.68 -1.72 -10.87
CA ILE A 187 -26.35 -2.12 -12.22
C ILE A 187 -26.25 -0.85 -13.08
N ASN A 188 -25.08 -0.55 -13.66
CA ASN A 188 -24.83 0.79 -14.29
C ASN A 188 -25.07 0.74 -15.80
N SER A 189 -26.35 0.57 -16.07
CA SER A 189 -26.80 0.35 -17.39
C SER A 189 -28.32 0.60 -17.43
N THR A 190 -28.85 0.94 -18.62
CA THR A 190 -30.27 1.39 -18.74
C THR A 190 -31.14 0.32 -19.42
N TYR A 191 -32.33 0.09 -18.88
CA TYR A 191 -33.27 -0.88 -19.47
C TYR A 191 -34.73 -0.47 -19.25
N GLU A 192 -35.55 -1.01 -20.14
CA GLU A 192 -37.00 -0.92 -20.03
C GLU A 192 -37.46 -1.65 -18.77
N CYS A 193 -38.16 -0.94 -17.86
CA CYS A 193 -38.67 -1.39 -16.52
C CYS A 193 -40.17 -1.05 -16.25
N ASP A 194 -40.90 -1.99 -15.59
CA ASP A 194 -42.32 -1.73 -15.08
C ASP A 194 -42.48 -1.85 -13.55
N VAL A 195 -41.44 -2.21 -12.77
CA VAL A 195 -41.55 -2.28 -11.29
C VAL A 195 -40.37 -1.57 -10.64
N PHE A 196 -40.52 -1.01 -9.44
CA PHE A 196 -39.49 -0.09 -8.97
C PHE A 196 -39.27 -0.27 -7.48
N PHE A 197 -38.01 -0.06 -7.06
CA PHE A 197 -37.64 -0.17 -5.66
C PHE A 197 -38.04 1.11 -4.96
N PRO A 198 -38.67 1.00 -3.81
CA PRO A 198 -39.01 2.18 -3.07
C PRO A 198 -37.84 3.16 -2.97
N GLU A 199 -38.15 4.46 -3.09
CA GLU A 199 -37.26 5.48 -2.59
C GLU A 199 -36.90 5.14 -1.14
N ILE A 200 -35.61 5.14 -0.81
CA ILE A 200 -35.12 4.87 0.51
C ILE A 200 -35.05 6.21 1.27
N ASN A 201 -35.53 6.20 2.52
CA ASN A 201 -35.48 7.38 3.40
C ASN A 201 -34.05 7.51 3.95
N GLU A 202 -33.35 8.57 3.51
CA GLU A 202 -31.98 8.78 3.91
C GLU A 202 -31.85 9.06 5.42
N ASN A 203 -32.92 9.38 6.15
CA ASN A 203 -32.78 9.50 7.61
C ASN A 203 -32.90 8.12 8.28
N GLU A 204 -33.47 7.10 7.61
CA GLU A 204 -33.64 5.75 8.20
C GLU A 204 -32.49 4.79 7.81
N TYR A 205 -32.07 4.90 6.56
CA TYR A 205 -31.03 4.05 5.97
C TYR A 205 -29.92 4.93 5.39
N GLN A 206 -28.66 4.60 5.68
CA GLN A 206 -27.55 5.29 5.00
C GLN A 206 -26.44 4.30 4.59
N ILE A 207 -25.76 4.59 3.49
CA ILE A 207 -24.72 3.68 2.94
C ILE A 207 -23.59 3.52 3.95
N ILE A 208 -23.16 2.31 4.26
CA ILE A 208 -21.97 2.15 5.07
C ILE A 208 -20.83 1.51 4.28
N SER A 209 -21.08 0.92 3.11
CA SER A 209 -20.03 0.21 2.43
C SER A 209 -20.20 0.30 0.91
N VAL A 210 -19.08 0.32 0.20
CA VAL A 210 -19.10 0.31 -1.22
C VAL A 210 -18.04 -0.69 -1.70
N SER A 211 -18.37 -1.51 -2.69
CA SER A 211 -17.46 -2.54 -3.23
C SER A 211 -16.61 -1.96 -4.36
N ASP A 212 -15.70 -2.81 -4.82
CA ASP A 212 -14.96 -2.63 -6.04
C ASP A 212 -15.99 -2.54 -7.16
N VAL A 213 -15.60 -2.03 -8.31
CA VAL A 213 -16.46 -1.88 -9.44
C VAL A 213 -16.03 -2.98 -10.41
N TYR A 214 -17.01 -3.59 -11.12
CA TYR A 214 -16.78 -4.76 -11.96
C TYR A 214 -17.48 -4.54 -13.31
N THR A 215 -17.07 -5.36 -14.29
CA THR A 215 -17.77 -5.55 -15.54
C THR A 215 -18.33 -6.98 -15.55
N SER A 216 -19.60 -7.11 -15.89
CA SER A 216 -20.19 -8.40 -16.22
C SER A 216 -21.19 -8.22 -17.35
N ASN A 217 -21.08 -9.07 -18.38
CA ASN A 217 -22.06 -9.04 -19.45
C ASN A 217 -22.34 -7.61 -19.89
N ASN A 218 -21.29 -6.83 -20.14
CA ASN A 218 -21.34 -5.56 -20.90
C ASN A 218 -22.01 -4.40 -20.13
N THR A 219 -22.00 -4.46 -18.81
CA THR A 219 -22.30 -3.29 -18.00
C THR A 219 -21.29 -3.24 -16.84
N THR A 220 -21.00 -2.08 -16.30
CA THR A 220 -20.33 -2.10 -15.06
C THR A 220 -21.38 -2.17 -13.98
N LEU A 221 -20.94 -2.39 -12.74
CA LEU A 221 -21.79 -2.51 -11.59
C LEU A 221 -20.94 -2.53 -10.33
N ASP A 222 -21.57 -2.23 -9.19
CA ASP A 222 -20.97 -2.40 -7.86
C ASP A 222 -22.04 -2.88 -6.86
N PHE A 223 -21.58 -3.06 -5.62
CA PHE A 223 -22.41 -3.56 -4.54
C PHE A 223 -22.30 -2.65 -3.34
N ILE A 224 -23.42 -2.09 -2.86
CA ILE A 224 -23.35 -1.28 -1.63
C ILE A 224 -24.24 -1.88 -0.54
N ILE A 225 -24.00 -1.39 0.67
CA ILE A 225 -24.73 -1.78 1.81
C ILE A 225 -25.32 -0.59 2.57
N TYR A 226 -26.65 -0.59 2.70
CA TYR A 226 -27.28 0.37 3.58
C TYR A 226 -27.51 -0.26 4.95
N LYS A 227 -27.26 0.51 5.99
CA LYS A 227 -27.54 0.13 7.34
C LYS A 227 -28.62 1.04 7.92
N LYS A 228 -29.42 0.44 8.78
CA LYS A 228 -30.50 1.15 9.39
C LYS A 228 -29.89 2.12 10.39
N THR A 229 -30.28 3.39 10.26
CA THR A 229 -29.90 4.44 11.22
C THR A 229 -30.78 4.35 12.47
N ASN A 230 -30.09 4.20 13.60
CA ASN A 230 -30.55 4.57 14.96
C ASN A 230 -31.33 5.91 14.96
N ASN A 231 -32.64 5.79 15.27
CA ASN A 231 -33.59 6.93 15.39
C ASN A 231 -34.49 6.69 16.62
N ASP A 283 -7.74 -19.11 20.25
CA ASP A 283 -6.84 -17.91 20.49
C ASP A 283 -7.61 -16.60 20.21
N ASP A 284 -7.51 -15.62 21.14
CA ASP A 284 -7.97 -14.22 20.90
C ASP A 284 -6.88 -13.25 21.43
N GLU A 285 -5.62 -13.71 21.46
CA GLU A 285 -4.62 -13.21 22.44
C GLU A 285 -3.61 -12.23 21.81
N GLU A 286 -3.17 -12.52 20.58
CA GLU A 286 -2.16 -11.70 19.86
C GLU A 286 -2.80 -10.35 19.49
N GLU A 287 -3.68 -9.83 20.35
CA GLU A 287 -4.35 -8.52 20.20
C GLU A 287 -3.68 -7.51 21.16
N ASP A 288 -2.94 -8.02 22.12
CA ASP A 288 -2.17 -7.17 23.03
C ASP A 288 -0.81 -6.89 22.36
N ASP A 289 -0.22 -7.92 21.74
CA ASP A 289 1.01 -7.83 20.91
C ASP A 289 0.95 -6.67 19.89
N PHE A 290 -0.22 -6.43 19.27
CA PHE A 290 -0.48 -5.23 18.37
C PHE A 290 -0.39 -3.90 19.14
N VAL A 291 -0.87 -3.91 20.38
CA VAL A 291 -0.90 -2.70 21.19
C VAL A 291 0.53 -2.30 21.57
N TYR A 292 1.35 -3.33 21.78
CA TYR A 292 2.72 -3.18 22.22
C TYR A 292 3.55 -2.51 21.11
N PHE A 293 3.32 -2.99 19.91
CA PHE A 293 3.98 -2.49 18.74
C PHE A 293 3.52 -1.06 18.49
N ASN A 294 2.29 -0.73 18.82
CA ASN A 294 1.82 0.62 18.57
C ASN A 294 2.22 1.56 19.71
N PHE A 295 3.16 1.15 20.56
CA PHE A 295 3.54 2.02 21.69
C PHE A 295 4.01 3.40 21.22
N ASN A 296 4.42 3.61 19.96
CA ASN A 296 4.97 4.94 19.56
C ASN A 296 3.91 5.78 18.80
N LYS A 297 2.65 5.29 18.77
CA LYS A 297 1.42 6.10 18.64
C LYS A 297 1.65 7.50 19.27
N GLU A 298 1.69 8.50 18.40
CA GLU A 298 2.07 9.88 18.73
C GLU A 298 0.96 10.63 19.50
N LYS A 299 1.34 11.86 19.92
CA LYS A 299 0.55 12.93 20.70
C LYS A 299 -0.94 12.99 20.25
N GLU A 300 -1.20 13.38 18.98
CA GLU A 300 -2.56 13.38 18.28
C GLU A 300 -2.29 13.37 16.74
N GLU A 301 -2.97 14.22 15.94
CA GLU A 301 -2.62 14.39 14.47
C GLU A 301 -1.83 15.71 14.29
N LYS A 302 -1.65 16.15 13.03
CA LYS A 302 -0.81 17.36 12.64
C LYS A 302 -1.72 18.56 12.28
N ASN A 303 -2.48 18.37 11.20
CA ASN A 303 -3.64 19.20 10.89
C ASN A 303 -4.85 18.52 11.57
N LYS A 304 -4.84 18.53 12.92
CA LYS A 304 -6.08 18.44 13.69
C LYS A 304 -6.47 19.86 14.16
N ASN A 305 -5.49 20.80 14.18
CA ASN A 305 -5.76 22.26 14.33
C ASN A 305 -6.59 22.78 13.11
N SER A 306 -5.97 23.03 11.93
CA SER A 306 -6.65 23.71 10.74
C SER A 306 -7.81 22.89 10.16
N ILE A 307 -7.57 21.57 9.99
CA ILE A 307 -8.53 20.61 9.37
C ILE A 307 -9.25 19.83 10.47
N HIS A 308 -10.59 19.84 10.46
CA HIS A 308 -11.37 19.08 11.47
C HIS A 308 -11.76 17.72 10.85
N PRO A 309 -11.53 16.56 11.56
CA PRO A 309 -12.22 15.29 11.17
C PRO A 309 -13.75 15.34 11.22
N ASN A 310 -14.34 16.38 11.82
CA ASN A 310 -15.78 16.66 11.80
C ASN A 310 -16.16 17.15 10.38
N ASP A 311 -15.16 17.60 9.62
CA ASP A 311 -15.42 18.09 8.27
C ASP A 311 -15.73 16.96 7.30
N PHE A 312 -15.35 15.72 7.66
CA PHE A 312 -15.47 14.47 6.86
C PHE A 312 -16.39 13.45 7.56
N GLN A 313 -17.51 13.93 8.07
CA GLN A 313 -18.39 13.09 8.85
C GLN A 313 -18.68 11.84 8.02
N ILE A 314 -19.25 12.01 6.84
CA ILE A 314 -19.65 10.85 6.03
C ILE A 314 -18.42 10.06 5.53
N TYR A 315 -17.44 10.66 4.86
CA TYR A 315 -16.23 9.95 4.46
C TYR A 315 -15.84 8.91 5.53
N ASN A 316 -15.91 9.28 6.81
CA ASN A 316 -15.40 8.45 7.90
C ASN A 316 -16.46 7.49 8.45
N SER A 317 -17.72 7.72 8.09
CA SER A 317 -18.88 6.90 8.56
C SER A 317 -18.85 5.51 7.91
N LEU A 318 -18.19 5.45 6.75
CA LEU A 318 -18.12 4.27 5.93
C LEU A 318 -17.12 3.30 6.55
N LYS A 319 -17.59 2.06 6.64
CA LYS A 319 -16.82 0.96 7.09
C LYS A 319 -15.90 0.49 5.94
N TYR A 320 -16.43 0.02 4.81
CA TYR A 320 -15.60 -0.54 3.75
C TYR A 320 -15.66 0.36 2.50
N LYS A 321 -14.50 0.81 1.98
CA LYS A 321 -14.47 1.81 0.96
C LYS A 321 -13.65 1.28 -0.21
N TYR A 322 -14.16 0.26 -0.84
CA TYR A 322 -13.35 -0.51 -1.73
C TYR A 322 -13.49 0.00 -3.16
N HIS A 323 -14.43 0.88 -3.44
CA HIS A 323 -14.55 1.43 -4.80
C HIS A 323 -13.25 2.14 -5.21
N PRO A 324 -12.75 1.91 -6.40
CA PRO A 324 -11.43 2.40 -6.62
C PRO A 324 -11.27 3.94 -6.67
N GLU A 325 -12.36 4.70 -6.82
CA GLU A 325 -12.31 6.19 -6.70
C GLU A 325 -11.70 6.52 -5.35
N TYR A 326 -11.66 5.60 -4.42
CA TYR A 326 -11.08 5.90 -3.13
C TYR A 326 -9.55 5.85 -3.18
N GLN A 327 -8.94 5.40 -4.22
CA GLN A 327 -7.52 5.55 -4.19
C GLN A 327 -7.17 7.03 -4.38
N TYR A 328 -7.98 7.74 -5.19
CA TYR A 328 -7.85 9.20 -5.29
C TYR A 328 -8.31 9.85 -3.97
N LEU A 329 -9.56 9.68 -3.54
CA LEU A 329 -10.05 10.38 -2.34
C LEU A 329 -9.18 10.15 -1.11
N ASN A 330 -8.64 9.00 -0.88
CA ASN A 330 -7.95 8.77 0.40
C ASN A 330 -6.63 9.54 0.45
N ILE A 331 -6.03 9.75 -0.71
CA ILE A 331 -4.75 10.47 -0.85
C ILE A 331 -5.01 11.94 -0.50
N ILE A 332 -6.11 12.44 -1.06
CA ILE A 332 -6.61 13.79 -0.67
C ILE A 332 -6.79 13.89 0.85
N TYR A 333 -7.49 12.97 1.46
CA TYR A 333 -7.67 13.01 2.89
C TYR A 333 -6.32 12.89 3.59
N ASP A 334 -5.40 12.16 3.00
CA ASP A 334 -4.18 11.92 3.73
C ASP A 334 -3.33 13.19 3.69
N ILE A 335 -3.52 14.04 2.67
CA ILE A 335 -2.72 15.22 2.57
C ILE A 335 -3.32 16.29 3.50
N MET A 336 -4.61 16.46 3.46
CA MET A 336 -5.35 17.31 4.42
C MET A 336 -4.99 17.02 5.90
N MET A 337 -5.15 15.80 6.34
CA MET A 337 -4.83 15.41 7.71
C MET A 337 -3.31 15.39 8.00
N ASN A 338 -2.42 15.10 7.03
CA ASN A 338 -0.96 14.94 7.35
C ASN A 338 -0.07 15.70 6.34
N GLY A 339 -0.66 16.56 5.50
CA GLY A 339 0.15 17.37 4.60
C GLY A 339 1.29 18.08 5.33
N ASN A 340 2.33 18.40 4.59
CA ASN A 340 3.29 19.40 4.92
C ASN A 340 2.88 20.77 4.35
N LYS A 341 2.90 21.85 5.17
CA LYS A 341 2.40 23.18 4.68
C LYS A 341 3.55 23.86 3.96
N GLN A 342 3.36 24.31 2.73
CA GLN A 342 4.49 24.73 1.95
C GLN A 342 4.09 25.85 0.98
N SER A 343 5.07 26.69 0.71
CA SER A 343 4.96 27.68 -0.34
C SER A 343 5.11 26.98 -1.69
N ASP A 344 4.70 27.66 -2.77
CA ASP A 344 4.99 27.10 -4.08
C ASP A 344 5.17 28.23 -5.11
N ARG A 345 5.70 27.82 -6.25
CA ARG A 345 6.00 28.70 -7.34
C ARG A 345 4.87 29.72 -7.54
N THR A 346 3.60 29.27 -7.51
CA THR A 346 2.39 30.14 -7.82
C THR A 346 2.11 31.15 -6.69
N GLY A 347 2.64 30.90 -5.50
CA GLY A 347 2.37 31.75 -4.34
C GLY A 347 1.20 31.27 -3.49
N VAL A 348 0.18 30.62 -4.10
CA VAL A 348 -1.11 30.27 -3.45
C VAL A 348 -0.93 29.39 -2.21
N GLY A 349 -0.01 28.46 -2.34
CA GLY A 349 0.36 27.62 -1.20
C GLY A 349 -0.35 26.28 -1.20
N VAL A 350 0.27 25.31 -0.52
CA VAL A 350 -0.27 23.96 -0.54
C VAL A 350 0.05 23.28 0.76
N LEU A 351 -0.72 22.18 0.90
CA LEU A 351 -0.26 20.98 1.59
C LEU A 351 0.23 19.96 0.55
N SER A 352 1.44 19.47 0.79
CA SER A 352 2.10 18.56 -0.09
C SER A 352 2.37 17.25 0.66
N LYS A 353 2.40 16.08 -0.03
CA LYS A 353 3.26 14.94 0.39
C LYS A 353 4.00 14.39 -0.84
N PHE A 354 4.85 13.40 -0.63
CA PHE A 354 5.73 12.97 -1.65
C PHE A 354 5.62 11.45 -1.80
N GLY A 355 5.14 11.02 -2.98
CA GLY A 355 5.30 9.60 -3.41
C GLY A 355 4.10 8.70 -3.10
N TYR A 356 3.19 8.54 -4.07
CA TYR A 356 2.02 7.63 -4.01
C TYR A 356 1.91 6.83 -5.32
N ILE A 357 1.22 5.72 -5.29
CA ILE A 357 0.87 4.95 -6.50
C ILE A 357 -0.63 4.65 -6.45
N MET A 358 -1.35 4.80 -7.57
CA MET A 358 -2.74 4.41 -7.69
C MET A 358 -2.87 3.37 -8.79
N LYS A 359 -3.81 2.42 -8.72
CA LYS A 359 -3.99 1.47 -9.83
C LYS A 359 -5.47 1.27 -10.13
N PHE A 360 -5.75 1.29 -11.45
CA PHE A 360 -7.04 1.25 -12.06
C PHE A 360 -7.04 0.08 -13.03
N ASP A 361 -8.05 -0.78 -12.91
CA ASP A 361 -8.14 -1.92 -13.75
C ASP A 361 -9.03 -1.53 -14.93
N LEU A 362 -8.40 -1.18 -16.07
CA LEU A 362 -9.14 -0.71 -17.18
C LEU A 362 -9.92 -1.84 -17.84
N SER A 363 -9.78 -3.08 -17.41
CA SER A 363 -10.62 -4.20 -17.96
C SER A 363 -12.01 -4.17 -17.34
N GLN A 364 -12.15 -3.55 -16.16
CA GLN A 364 -13.40 -3.60 -15.42
C GLN A 364 -14.17 -2.30 -15.53
N TYR A 365 -13.52 -1.21 -15.96
CA TYR A 365 -14.13 0.15 -15.86
C TYR A 365 -13.14 1.22 -16.32
N PHE A 366 -13.68 2.30 -16.81
CA PHE A 366 -12.99 3.58 -17.08
C PHE A 366 -13.02 4.54 -15.85
N PRO A 367 -11.83 4.90 -15.32
CA PRO A 367 -11.82 5.58 -14.03
C PRO A 367 -12.03 7.12 -14.14
N LEU A 368 -13.17 7.50 -14.69
CA LEU A 368 -13.63 8.87 -14.72
C LEU A 368 -14.33 9.17 -13.41
N LEU A 369 -13.67 9.97 -12.58
CA LEU A 369 -14.17 10.29 -11.25
C LEU A 369 -15.66 10.66 -11.31
N THR A 370 -16.40 10.24 -10.26
CA THR A 370 -17.88 10.34 -10.22
C THR A 370 -18.28 11.29 -9.10
N THR A 371 -17.35 11.67 -8.21
CA THR A 371 -17.69 12.54 -7.04
C THR A 371 -17.73 14.01 -7.45
N LYS A 372 -17.58 14.27 -8.74
CA LYS A 372 -17.79 15.57 -9.32
C LYS A 372 -17.86 15.31 -10.83
N LYS A 373 -18.28 16.29 -11.65
CA LYS A 373 -18.38 16.07 -13.08
C LYS A 373 -17.09 16.41 -13.83
N LEU A 374 -16.87 15.70 -14.92
CA LEU A 374 -15.72 15.93 -15.77
C LEU A 374 -16.11 15.66 -17.23
N PHE A 375 -15.68 16.51 -18.15
CA PHE A 375 -15.88 16.30 -19.60
C PHE A 375 -14.53 15.95 -20.23
N LEU A 376 -14.57 15.17 -21.32
CA LEU A 376 -13.35 14.66 -21.90
C LEU A 376 -12.99 15.29 -23.26
N ARG A 377 -13.82 16.14 -23.84
CA ARG A 377 -13.62 16.56 -25.20
C ARG A 377 -12.21 17.15 -25.26
N GLY A 378 -11.96 18.04 -24.31
CA GLY A 378 -10.76 18.83 -24.38
C GLY A 378 -9.52 17.97 -24.29
N ILE A 379 -9.50 17.00 -23.37
CA ILE A 379 -8.31 16.25 -23.12
C ILE A 379 -8.11 15.23 -24.25
N ILE A 380 -9.13 14.86 -24.98
CA ILE A 380 -8.91 13.93 -26.08
C ILE A 380 -8.23 14.71 -27.20
N GLU A 381 -8.77 15.87 -27.51
CA GLU A 381 -8.19 16.78 -28.49
C GLU A 381 -6.74 17.02 -28.12
N GLU A 382 -6.48 17.34 -26.82
CA GLU A 382 -5.07 17.52 -26.38
C GLU A 382 -4.29 16.26 -26.75
N LEU A 383 -4.82 15.10 -26.45
CA LEU A 383 -4.12 13.86 -26.69
C LEU A 383 -3.85 13.69 -28.19
N LEU A 384 -4.74 14.17 -29.05
CA LEU A 384 -4.58 13.93 -30.47
C LEU A 384 -3.57 14.92 -31.07
N TRP A 385 -3.55 16.09 -30.49
CA TRP A 385 -2.60 17.19 -30.77
C TRP A 385 -1.20 16.72 -30.41
N PHE A 386 -1.09 16.05 -29.29
CA PHE A 386 0.23 15.47 -28.91
C PHE A 386 0.69 14.54 -30.03
N ILE A 387 -0.23 13.74 -30.51
CA ILE A 387 0.17 12.61 -31.32
C ILE A 387 0.51 13.15 -32.71
N ARG A 388 -0.13 14.24 -33.03
CA ARG A 388 0.08 14.78 -34.29
C ARG A 388 1.44 15.45 -34.30
N GLY A 389 2.03 15.72 -33.13
CA GLY A 389 3.35 16.38 -32.99
C GLY A 389 3.24 17.89 -32.93
N GLU A 390 2.06 18.42 -32.61
CA GLU A 390 1.82 19.83 -32.74
C GLU A 390 2.38 20.53 -31.51
N THR A 391 2.82 21.78 -31.72
CA THR A 391 3.17 22.63 -30.64
C THR A 391 2.49 23.96 -30.81
N ASN A 392 1.55 24.02 -31.74
CA ASN A 392 0.85 25.25 -32.01
C ASN A 392 -0.41 25.34 -31.14
N GLY A 393 -0.40 26.26 -30.18
CA GLY A 393 -1.53 26.55 -29.28
C GLY A 393 -2.83 26.95 -30.00
N ASN A 394 -2.72 27.58 -31.18
CA ASN A 394 -3.90 28.07 -31.92
C ASN A 394 -4.75 26.90 -32.38
N THR A 395 -4.13 25.74 -32.67
CA THR A 395 -4.96 24.63 -33.13
C THR A 395 -6.00 24.29 -32.07
N LEU A 396 -5.57 24.21 -30.83
CA LEU A 396 -6.48 23.89 -29.79
C LEU A 396 -7.49 25.00 -29.58
N LEU A 397 -7.09 26.28 -29.64
CA LEU A 397 -8.03 27.42 -29.36
C LEU A 397 -9.15 27.47 -30.42
N ASN A 398 -8.82 27.08 -31.63
CA ASN A 398 -9.81 26.97 -32.70
C ASN A 398 -10.75 25.77 -32.47
N LYS A 399 -10.57 24.91 -31.48
CA LYS A 399 -11.53 23.85 -31.24
C LYS A 399 -12.22 24.13 -29.91
N ASN A 400 -12.02 25.34 -29.42
CA ASN A 400 -12.60 25.85 -28.18
C ASN A 400 -12.07 25.04 -26.98
N VAL A 401 -10.80 24.63 -27.06
CA VAL A 401 -10.12 23.99 -25.98
C VAL A 401 -9.05 24.97 -25.55
N ARG A 402 -9.05 25.31 -24.27
CA ARG A 402 -8.26 26.36 -23.65
C ARG A 402 -7.30 25.83 -22.57
N ILE A 403 -7.01 24.54 -22.56
CA ILE A 403 -6.10 23.94 -21.54
C ILE A 403 -4.77 24.71 -21.52
N TRP A 404 -4.22 25.05 -22.69
CA TRP A 404 -2.87 25.75 -22.84
C TRP A 404 -2.96 27.26 -23.12
N GLU A 405 -4.15 27.82 -23.23
CA GLU A 405 -4.27 29.26 -23.47
C GLU A 405 -3.31 30.02 -22.53
N ALA A 406 -3.35 29.85 -21.22
CA ALA A 406 -2.54 30.77 -20.33
C ALA A 406 -1.02 30.54 -20.51
N ASN A 407 -0.60 29.39 -21.03
CA ASN A 407 0.83 29.13 -21.17
C ASN A 407 1.35 29.75 -22.49
N GLY A 408 0.48 30.31 -23.36
CA GLY A 408 0.96 30.88 -24.61
C GLY A 408 0.64 32.36 -24.83
N THR A 409 0.41 33.08 -23.73
CA THR A 409 0.16 34.51 -23.87
C THR A 409 1.50 35.21 -23.98
N ARG A 410 1.48 36.44 -24.52
CA ARG A 410 2.65 37.26 -24.67
C ARG A 410 3.25 37.40 -23.28
N GLU A 411 2.38 37.59 -22.29
CA GLU A 411 2.87 37.98 -20.95
C GLU A 411 3.53 36.75 -20.35
N PHE A 412 2.93 35.57 -20.57
CA PHE A 412 3.45 34.32 -19.99
C PHE A 412 4.80 33.95 -20.59
N LEU A 413 4.85 33.92 -21.91
CA LEU A 413 6.12 33.62 -22.60
C LEU A 413 7.25 34.55 -22.15
N ASP A 414 6.98 35.89 -22.15
CA ASP A 414 7.94 36.88 -21.67
C ASP A 414 8.34 36.55 -20.23
N ASN A 415 7.51 35.96 -19.37
CA ASN A 415 8.00 35.61 -17.98
C ASN A 415 9.00 34.47 -18.04
N ARG A 416 8.79 33.56 -18.98
CA ARG A 416 9.75 32.48 -19.21
C ARG A 416 10.97 33.02 -19.95
N LYS A 417 11.09 34.30 -20.29
CA LYS A 417 12.24 34.86 -21.09
C LYS A 417 12.19 34.38 -22.54
N LEU A 418 10.99 34.07 -23.06
CA LEU A 418 10.83 33.62 -24.43
C LEU A 418 10.35 34.77 -25.31
N PHE A 419 11.16 35.82 -25.36
CA PHE A 419 10.77 37.07 -26.03
C PHE A 419 10.60 36.90 -27.55
N HIS A 420 11.38 36.03 -28.17
CA HIS A 420 11.30 35.88 -29.64
C HIS A 420 10.35 34.76 -30.04
N ARG A 421 9.36 34.46 -29.20
CA ARG A 421 8.42 33.42 -29.45
C ARG A 421 7.05 34.04 -29.73
N GLU A 422 6.49 33.69 -30.85
CA GLU A 422 5.14 34.06 -31.20
C GLU A 422 4.16 33.50 -30.18
N VAL A 423 3.16 34.31 -29.88
CA VAL A 423 2.01 33.95 -29.07
C VAL A 423 1.49 32.56 -29.43
N ASN A 424 1.16 31.78 -28.42
CA ASN A 424 0.65 30.44 -28.62
C ASN A 424 1.65 29.49 -29.30
N ASP A 425 2.90 29.86 -29.58
CA ASP A 425 3.95 28.92 -29.96
C ASP A 425 4.64 28.36 -28.72
N LEU A 426 4.32 27.12 -28.36
CA LEU A 426 4.57 26.63 -27.04
C LEU A 426 5.96 26.01 -26.99
N GLY A 427 6.60 25.78 -28.12
CA GLY A 427 7.97 25.25 -28.07
C GLY A 427 7.97 23.74 -27.95
N PRO A 428 9.09 23.18 -27.56
CA PRO A 428 9.28 21.73 -27.80
C PRO A 428 8.68 20.92 -26.65
N ILE A 429 7.38 20.81 -26.64
CA ILE A 429 6.60 20.21 -25.53
C ILE A 429 6.20 18.78 -25.89
N TYR A 430 5.34 18.14 -25.09
CA TYR A 430 4.93 16.74 -25.33
C TYR A 430 4.96 16.39 -26.83
N GLY A 431 4.13 17.02 -27.59
CA GLY A 431 3.93 16.52 -28.92
C GLY A 431 5.24 16.35 -29.64
N PHE A 432 6.01 17.42 -29.61
CA PHE A 432 7.29 17.54 -30.24
C PHE A 432 8.22 16.49 -29.68
N GLN A 433 8.20 16.24 -28.37
CA GLN A 433 9.19 15.26 -27.79
C GLN A 433 8.79 13.83 -28.16
N TRP A 434 7.49 13.55 -28.19
CA TRP A 434 7.02 12.24 -28.57
C TRP A 434 7.39 11.91 -30.04
N ARG A 435 7.37 12.89 -30.99
CA ARG A 435 7.59 12.63 -32.43
C ARG A 435 8.97 13.08 -32.89
N HIS A 436 9.72 13.90 -32.14
CA HIS A 436 10.98 14.49 -32.68
C HIS A 436 12.04 14.73 -31.60
N PHE A 437 12.16 13.87 -30.57
CA PHE A 437 13.09 14.10 -29.50
C PHE A 437 14.48 14.23 -30.09
N GLY A 438 15.15 15.33 -29.75
CA GLY A 438 16.53 15.57 -30.26
C GLY A 438 16.61 16.70 -31.26
N ALA A 439 15.60 16.88 -32.09
CA ALA A 439 15.70 17.87 -33.13
C ALA A 439 15.65 19.30 -32.55
N GLU A 440 16.21 20.21 -33.33
CA GLU A 440 16.33 21.59 -33.00
C GLU A 440 14.99 22.25 -33.24
N TYR A 441 14.45 22.86 -32.20
CA TYR A 441 13.17 23.50 -32.37
C TYR A 441 13.41 24.86 -33.03
N THR A 442 12.65 25.17 -34.06
CA THR A 442 12.68 26.46 -34.76
C THR A 442 11.46 27.29 -34.36
N ASN A 443 10.33 26.97 -34.97
CA ASN A 443 9.03 27.64 -34.67
C ASN A 443 7.93 26.59 -34.93
N MET A 444 6.74 26.84 -34.47
CA MET A 444 5.63 25.89 -34.52
C MET A 444 5.14 25.59 -35.95
N TYR A 445 5.59 26.31 -36.96
CA TYR A 445 5.11 26.11 -38.33
C TYR A 445 6.08 25.28 -39.17
N ASP A 446 7.22 24.93 -38.62
CA ASP A 446 8.28 24.29 -39.45
C ASP A 446 7.81 22.87 -39.78
N ASN A 447 8.49 22.32 -40.79
CA ASN A 447 8.37 20.95 -41.16
C ASN A 447 9.46 20.16 -40.44
N TYR A 448 9.08 19.28 -39.54
CA TYR A 448 10.06 18.53 -38.80
C TYR A 448 10.06 17.07 -39.22
N GLU A 449 9.54 16.70 -40.38
CA GLU A 449 9.50 15.30 -40.76
C GLU A 449 10.91 14.68 -40.83
N ASN A 450 10.98 13.52 -40.17
CA ASN A 450 12.14 12.62 -40.09
C ASN A 450 13.32 13.31 -39.42
N LYS A 451 13.01 14.22 -38.50
CA LYS A 451 13.98 14.91 -37.58
C LYS A 451 13.68 14.52 -36.13
N GLY A 452 14.70 14.09 -35.44
CA GLY A 452 14.49 13.66 -34.10
C GLY A 452 14.07 12.23 -34.06
N VAL A 453 13.93 11.76 -32.84
CA VAL A 453 13.55 10.38 -32.58
C VAL A 453 12.02 10.28 -32.40
N ASP A 454 11.38 9.51 -33.27
CA ASP A 454 9.92 9.31 -33.14
C ASP A 454 9.64 8.23 -32.07
N GLN A 455 9.55 8.69 -30.82
CA GLN A 455 9.43 7.85 -29.66
C GLN A 455 8.12 7.06 -29.78
N LEU A 456 7.10 7.70 -30.26
CA LEU A 456 5.78 7.11 -30.29
C LEU A 456 5.75 5.93 -31.26
N LYS A 457 6.29 6.11 -32.44
CA LYS A 457 6.28 5.00 -33.42
C LYS A 457 7.21 3.92 -32.86
N ASN A 458 8.29 4.32 -32.21
CA ASN A 458 9.19 3.36 -31.58
C ASN A 458 8.42 2.44 -30.60
N ILE A 459 7.66 2.99 -29.64
CA ILE A 459 7.10 2.17 -28.64
C ILE A 459 5.93 1.36 -29.24
N ILE A 460 5.21 1.85 -30.22
CA ILE A 460 4.22 0.99 -30.92
C ILE A 460 4.92 -0.22 -31.55
N ASN A 461 6.12 -0.04 -32.10
CA ASN A 461 6.85 -1.18 -32.63
C ASN A 461 7.42 -2.10 -31.56
N LEU A 462 7.80 -1.66 -30.39
CA LEU A 462 8.35 -2.66 -29.47
C LEU A 462 7.20 -3.45 -28.82
N ILE A 463 6.01 -2.87 -28.71
CA ILE A 463 4.86 -3.52 -28.11
C ILE A 463 4.41 -4.63 -29.07
N LYS A 464 4.33 -4.30 -30.36
CA LYS A 464 3.95 -5.29 -31.40
C LYS A 464 5.01 -6.39 -31.59
N ASN A 465 6.30 -6.05 -31.52
CA ASN A 465 7.34 -6.94 -32.06
C ASN A 465 8.28 -7.42 -30.98
N ASP A 466 8.37 -6.75 -29.81
CA ASP A 466 9.32 -7.11 -28.69
C ASP A 466 8.56 -6.88 -27.39
N PRO A 467 7.40 -7.49 -27.28
CA PRO A 467 6.59 -7.18 -26.11
C PRO A 467 7.18 -7.44 -24.70
N THR A 468 8.18 -8.27 -24.55
CA THR A 468 8.83 -8.61 -23.30
C THR A 468 9.95 -7.62 -22.97
N SER A 469 10.19 -6.69 -23.88
CA SER A 469 11.18 -5.62 -23.65
C SER A 469 10.78 -4.83 -22.42
N ARG A 470 11.78 -4.42 -21.65
CA ARG A 470 11.72 -3.59 -20.47
C ARG A 470 12.17 -2.15 -20.78
N ARG A 471 12.02 -1.73 -22.05
CA ARG A 471 12.57 -0.47 -22.47
C ARG A 471 11.54 0.33 -23.25
N ILE A 472 10.32 -0.07 -23.10
CA ILE A 472 9.25 0.54 -23.82
C ILE A 472 8.77 1.73 -22.97
N LEU A 473 9.40 2.88 -23.18
CA LEU A 473 9.16 4.09 -22.50
C LEU A 473 8.98 5.27 -23.44
N LEU A 474 8.07 6.14 -23.09
CA LEU A 474 7.93 7.39 -23.75
C LEU A 474 8.24 8.49 -22.72
N CYS A 475 9.11 9.45 -23.06
CA CYS A 475 9.67 10.43 -22.08
C CYS A 475 9.56 11.87 -22.61
N ALA A 476 8.90 12.73 -21.84
CA ALA A 476 8.75 14.10 -22.27
C ALA A 476 9.81 15.01 -21.64
N TRP A 477 10.61 14.49 -20.73
CA TRP A 477 11.50 15.36 -19.97
C TRP A 477 12.88 15.42 -20.62
N ASN A 478 12.93 16.28 -21.63
CA ASN A 478 14.08 16.51 -22.46
C ASN A 478 14.86 17.63 -21.79
N VAL A 479 15.84 17.25 -21.00
CA VAL A 479 16.57 18.18 -20.16
C VAL A 479 17.05 19.38 -20.98
N LYS A 480 17.42 19.16 -22.22
CA LYS A 480 18.10 20.19 -23.00
C LYS A 480 17.13 21.26 -23.54
N ASP A 481 15.87 20.92 -23.70
CA ASP A 481 14.87 21.82 -24.22
C ASP A 481 13.98 22.34 -23.07
N LEU A 482 14.13 21.98 -21.80
CA LEU A 482 13.11 22.46 -20.74
C LEU A 482 12.94 23.96 -20.89
N ASP A 483 14.02 24.69 -20.99
CA ASP A 483 13.94 26.20 -20.92
C ASP A 483 13.18 26.81 -22.11
N GLN A 484 13.07 26.09 -23.19
CA GLN A 484 12.45 26.58 -24.38
C GLN A 484 10.97 26.20 -24.37
N MET A 485 10.59 25.26 -23.51
CA MET A 485 9.17 24.93 -23.37
C MET A 485 8.43 26.07 -22.65
N ALA A 486 7.28 26.44 -23.15
CA ALA A 486 6.39 27.32 -22.41
C ALA A 486 6.45 26.94 -20.92
N LEU A 487 6.34 25.68 -20.62
CA LEU A 487 6.65 25.30 -19.25
C LEU A 487 7.06 23.82 -19.18
N PRO A 488 7.80 23.44 -18.19
CA PRO A 488 8.31 22.02 -18.19
C PRO A 488 7.25 20.96 -17.90
N PRO A 489 7.24 19.82 -18.63
CA PRO A 489 6.16 18.82 -18.51
C PRO A 489 5.95 18.22 -17.12
N CYS A 490 4.68 18.03 -16.75
CA CYS A 490 4.34 17.38 -15.51
C CYS A 490 4.37 15.87 -15.70
N HIS A 491 3.87 15.39 -16.82
CA HIS A 491 3.87 13.95 -17.03
C HIS A 491 5.18 13.58 -17.67
N ILE A 492 6.10 13.23 -16.83
CA ILE A 492 7.46 12.94 -17.19
C ILE A 492 7.48 11.78 -18.18
N LEU A 493 6.82 10.70 -17.90
CA LEU A 493 7.03 9.55 -18.73
C LEU A 493 6.00 8.47 -18.47
N CYS A 494 5.88 7.57 -19.44
CA CYS A 494 5.19 6.39 -19.18
C CYS A 494 5.90 5.19 -19.85
N GLN A 495 5.73 4.06 -19.16
CA GLN A 495 6.34 2.80 -19.44
C GLN A 495 5.22 1.80 -19.69
N PHE A 496 5.40 0.97 -20.71
CA PHE A 496 4.45 -0.06 -21.00
C PHE A 496 4.96 -1.46 -20.60
N TYR A 497 4.01 -2.35 -20.40
CA TYR A 497 4.22 -3.72 -20.00
C TYR A 497 3.14 -4.58 -20.68
N VAL A 498 3.55 -5.71 -21.26
CA VAL A 498 2.68 -6.57 -22.03
C VAL A 498 2.73 -8.01 -21.49
N PHE A 499 1.55 -8.58 -21.21
CA PHE A 499 1.47 -10.01 -20.82
C PHE A 499 0.13 -10.59 -21.26
N ASP A 500 0.19 -11.72 -21.98
CA ASP A 500 -0.98 -12.50 -22.27
C ASP A 500 -1.98 -11.65 -23.07
N GLY A 501 -1.46 -10.88 -24.03
CA GLY A 501 -2.35 -10.11 -24.93
C GLY A 501 -2.98 -8.91 -24.22
N LYS A 502 -2.42 -8.55 -23.07
CA LYS A 502 -2.85 -7.41 -22.27
C LYS A 502 -1.69 -6.40 -22.11
N LEU A 503 -2.04 -5.11 -22.26
CA LEU A 503 -1.17 -3.89 -22.07
C LEU A 503 -1.52 -3.16 -20.77
N SER A 504 -0.52 -2.95 -19.90
CA SER A 504 -0.59 -2.02 -18.75
C SER A 504 0.41 -0.86 -18.95
N CYS A 505 0.20 0.26 -18.26
CA CYS A 505 0.93 1.52 -18.46
C CYS A 505 1.13 2.19 -17.10
N ILE A 506 2.37 2.56 -16.77
CA ILE A 506 2.78 3.34 -15.62
C ILE A 506 3.08 4.75 -16.13
N MET A 507 2.52 5.76 -15.49
CA MET A 507 2.84 7.13 -15.85
C MET A 507 3.29 7.83 -14.58
N TYR A 508 4.48 8.45 -14.64
CA TYR A 508 5.10 9.13 -13.51
C TYR A 508 4.87 10.65 -13.63
N GLN A 509 4.15 11.20 -12.65
CA GLN A 509 3.75 12.60 -12.65
C GLN A 509 4.56 13.31 -11.57
N ARG A 510 5.47 14.23 -11.96
CA ARG A 510 6.45 14.82 -11.05
C ARG A 510 5.76 15.83 -10.13
N SER A 511 4.61 16.33 -10.60
CA SER A 511 3.96 17.40 -9.91
C SER A 511 2.45 17.30 -10.11
N CYS A 512 1.69 17.20 -9.01
CA CYS A 512 0.28 16.66 -9.11
C CYS A 512 -0.68 17.57 -8.37
N ASP A 513 -1.43 18.37 -9.12
CA ASP A 513 -2.44 19.21 -8.54
C ASP A 513 -3.65 18.30 -8.33
N LEU A 514 -3.83 17.88 -7.09
CA LEU A 514 -4.87 16.87 -6.78
C LEU A 514 -6.27 17.41 -7.01
N GLY A 515 -6.54 18.60 -6.52
CA GLY A 515 -7.85 19.23 -6.70
C GLY A 515 -8.33 19.24 -8.14
N LEU A 516 -7.49 19.56 -9.10
CA LEU A 516 -8.04 19.93 -10.40
C LEU A 516 -7.41 19.19 -11.58
N GLY A 517 -6.13 18.85 -11.49
CA GLY A 517 -5.35 18.28 -12.59
C GLY A 517 -5.24 16.77 -12.53
N VAL A 518 -4.97 16.18 -11.34
CA VAL A 518 -4.92 14.69 -11.24
C VAL A 518 -6.18 14.05 -11.82
N PRO A 519 -7.37 14.65 -11.66
CA PRO A 519 -8.55 13.90 -12.17
C PRO A 519 -8.57 13.74 -13.68
N PHE A 520 -8.14 14.81 -14.34
CA PHE A 520 -8.07 14.81 -15.76
C PHE A 520 -6.94 13.91 -16.23
N ASN A 521 -5.83 13.94 -15.50
CA ASN A 521 -4.65 13.19 -15.91
C ASN A 521 -4.93 11.68 -15.90
N ILE A 522 -5.76 11.23 -14.95
CA ILE A 522 -6.11 9.87 -14.87
C ILE A 522 -6.88 9.55 -16.11
N ALA A 523 -7.81 10.42 -16.47
CA ALA A 523 -8.56 10.09 -17.60
C ALA A 523 -7.71 10.08 -18.87
N SER A 524 -6.66 10.92 -18.90
CA SER A 524 -5.97 11.21 -20.10
C SER A 524 -5.16 9.98 -20.47
N TYR A 525 -4.43 9.45 -19.50
CA TYR A 525 -3.53 8.33 -19.76
C TYR A 525 -4.25 6.97 -19.75
N SER A 526 -5.44 6.94 -19.17
CA SER A 526 -6.37 5.82 -19.34
C SER A 526 -6.78 5.67 -20.83
N ILE A 527 -7.27 6.73 -21.45
CA ILE A 527 -7.65 6.76 -22.88
C ILE A 527 -6.43 6.42 -23.72
N PHE A 528 -5.29 6.99 -23.34
CA PHE A 528 -4.08 6.80 -24.18
C PHE A 528 -3.73 5.33 -24.12
N THR A 529 -3.89 4.74 -22.94
CA THR A 529 -3.62 3.27 -22.85
C THR A 529 -4.59 2.46 -23.75
N HIS A 530 -5.88 2.80 -23.84
CA HIS A 530 -6.81 2.08 -24.75
C HIS A 530 -6.41 2.28 -26.22
N MET A 531 -5.92 3.46 -26.56
CA MET A 531 -5.57 3.74 -27.92
C MET A 531 -4.42 2.84 -28.31
N ILE A 532 -3.35 2.81 -27.50
CA ILE A 532 -2.16 2.06 -27.81
C ILE A 532 -2.51 0.57 -27.87
N ALA A 533 -3.30 0.13 -26.94
CA ALA A 533 -3.68 -1.27 -26.89
C ALA A 533 -4.41 -1.63 -28.21
N GLN A 534 -5.28 -0.74 -28.71
CA GLN A 534 -6.10 -1.17 -29.86
C GLN A 534 -5.27 -1.15 -31.14
N VAL A 535 -4.40 -0.16 -31.34
CA VAL A 535 -3.62 -0.15 -32.54
C VAL A 535 -2.59 -1.29 -32.45
N CYS A 536 -2.27 -1.80 -31.27
CA CYS A 536 -1.38 -2.96 -31.20
C CYS A 536 -2.13 -4.32 -31.11
N ASN A 537 -3.48 -4.38 -31.25
CA ASN A 537 -4.24 -5.68 -31.12
C ASN A 537 -4.00 -6.35 -29.74
N LEU A 538 -4.02 -5.53 -28.69
CA LEU A 538 -3.95 -5.96 -27.32
C LEU A 538 -5.19 -5.46 -26.58
N GLN A 539 -5.42 -5.97 -25.37
CA GLN A 539 -6.48 -5.42 -24.50
C GLN A 539 -5.86 -4.60 -23.36
N PRO A 540 -6.52 -3.54 -22.99
CA PRO A 540 -5.98 -2.86 -21.87
C PRO A 540 -6.18 -3.61 -20.54
N ALA A 541 -5.17 -3.50 -19.68
CA ALA A 541 -5.27 -4.05 -18.37
C ALA A 541 -5.18 -2.93 -17.31
N GLN A 542 -4.04 -2.68 -16.67
CA GLN A 542 -3.89 -1.64 -15.62
C GLN A 542 -3.27 -0.33 -16.15
N PHE A 543 -3.94 0.81 -15.94
CA PHE A 543 -3.25 2.14 -15.87
C PHE A 543 -2.72 2.38 -14.45
N ILE A 544 -1.40 2.62 -14.33
CA ILE A 544 -0.77 2.76 -13.00
C ILE A 544 -0.19 4.20 -12.87
N HIS A 545 -0.64 4.93 -11.85
CA HIS A 545 -0.43 6.36 -11.79
C HIS A 545 0.54 6.65 -10.67
N VAL A 546 1.78 7.08 -10.97
CA VAL A 546 2.73 7.35 -9.89
C VAL A 546 2.83 8.86 -9.72
N LEU A 547 2.78 9.31 -8.46
CA LEU A 547 2.65 10.71 -8.10
C LEU A 547 3.89 11.07 -7.31
N GLY A 548 4.57 12.11 -7.75
CA GLY A 548 5.75 12.55 -7.04
C GLY A 548 5.39 13.58 -5.98
N ASN A 549 5.63 14.85 -6.32
CA ASN A 549 5.12 15.94 -5.50
C ASN A 549 3.60 15.95 -5.58
N ALA A 550 2.93 15.36 -4.60
CA ALA A 550 1.39 15.37 -4.58
C ALA A 550 0.92 16.51 -3.68
N HIS A 551 0.14 17.41 -4.22
CA HIS A 551 -0.21 18.57 -3.40
C HIS A 551 -1.64 19.01 -3.60
N VAL A 552 -2.20 19.57 -2.52
CA VAL A 552 -3.56 20.19 -2.52
C VAL A 552 -3.38 21.70 -2.36
N TYR A 553 -3.88 22.47 -3.27
CA TYR A 553 -3.72 23.92 -3.18
C TYR A 553 -4.69 24.51 -2.13
N ASN A 554 -4.22 25.51 -1.37
CA ASN A 554 -5.02 26.13 -0.22
C ASN A 554 -6.40 26.59 -0.70
N ASN A 555 -6.58 26.95 -1.95
CA ASN A 555 -7.91 27.43 -2.33
C ASN A 555 -8.80 26.26 -2.73
N HIS A 556 -8.35 25.00 -2.58
CA HIS A 556 -9.19 23.85 -3.07
C HIS A 556 -9.87 23.14 -1.89
N ILE A 557 -9.33 23.35 -0.71
CA ILE A 557 -9.72 22.76 0.56
C ILE A 557 -11.23 22.77 0.83
N ASP A 558 -11.98 23.78 0.43
CA ASP A 558 -13.39 23.79 0.80
C ASP A 558 -14.13 22.87 -0.16
N SER A 559 -13.87 23.03 -1.45
CA SER A 559 -14.43 22.11 -2.44
C SER A 559 -14.06 20.66 -2.12
N LEU A 560 -12.86 20.44 -1.61
CA LEU A 560 -12.39 19.11 -1.42
C LEU A 560 -12.98 18.50 -0.14
N LYS A 561 -13.34 19.32 0.83
CA LYS A 561 -14.08 18.86 2.01
C LYS A 561 -15.47 18.41 1.56
N ILE A 562 -16.09 19.21 0.71
CA ILE A 562 -17.32 18.76 0.14
C ILE A 562 -17.13 17.45 -0.65
N GLN A 563 -16.13 17.34 -1.54
CA GLN A 563 -16.05 16.20 -2.47
C GLN A 563 -15.88 14.91 -1.67
N LEU A 564 -15.10 14.92 -0.59
CA LEU A 564 -14.74 13.67 0.11
C LEU A 564 -15.91 13.13 0.92
N ASN A 565 -17.05 13.83 0.93
CA ASN A 565 -18.26 13.42 1.68
C ASN A 565 -19.33 13.01 0.67
N ARG A 566 -18.99 13.06 -0.62
CA ARG A 566 -19.76 12.36 -1.65
C ARG A 566 -19.36 10.86 -1.77
N ILE A 567 -20.37 9.99 -1.94
CA ILE A 567 -20.21 8.54 -2.15
C ILE A 567 -20.19 8.21 -3.64
N PRO A 568 -19.11 7.57 -4.14
CA PRO A 568 -18.96 7.26 -5.54
C PRO A 568 -20.06 6.41 -6.15
N TYR A 569 -20.30 6.60 -7.44
CA TYR A 569 -21.13 5.76 -8.27
C TYR A 569 -20.26 4.84 -9.12
N PRO A 570 -20.86 3.79 -9.68
CA PRO A 570 -20.08 2.93 -10.54
C PRO A 570 -19.56 3.68 -11.76
N PHE A 571 -18.34 3.39 -12.07
CA PHE A 571 -17.69 4.02 -13.17
C PHE A 571 -18.37 3.70 -14.49
N PRO A 572 -18.19 4.58 -15.49
CA PRO A 572 -18.56 4.38 -16.88
C PRO A 572 -17.56 3.48 -17.58
N THR A 573 -17.76 3.31 -18.92
CA THR A 573 -16.84 2.56 -19.82
C THR A 573 -16.44 3.44 -21.01
N LEU A 574 -15.35 3.11 -21.68
CA LEU A 574 -14.89 3.90 -22.79
C LEU A 574 -15.07 3.03 -24.03
N LYS A 575 -15.64 3.56 -25.11
CA LYS A 575 -15.58 2.81 -26.39
C LYS A 575 -14.89 3.66 -27.45
N LEU A 576 -13.95 2.98 -28.12
CA LEU A 576 -13.31 3.50 -29.30
C LEU A 576 -13.91 2.76 -30.51
N ASN A 577 -14.00 3.49 -31.61
CA ASN A 577 -14.28 2.96 -32.94
C ASN A 577 -13.28 1.87 -33.26
N PRO A 578 -13.72 0.63 -33.43
CA PRO A 578 -12.75 -0.46 -33.61
C PRO A 578 -12.01 -0.42 -34.95
N ASP A 579 -12.41 0.45 -35.84
CA ASP A 579 -11.89 0.42 -37.18
C ASP A 579 -10.55 1.15 -37.22
N ILE A 580 -10.19 1.83 -36.14
CA ILE A 580 -9.02 2.67 -36.18
C ILE A 580 -7.80 1.80 -35.85
N LYS A 581 -6.92 1.61 -36.82
CA LYS A 581 -5.83 0.63 -36.73
C LYS A 581 -4.46 1.29 -36.54
N ASN A 582 -4.35 2.61 -36.71
CA ASN A 582 -3.10 3.32 -36.60
C ASN A 582 -3.28 4.47 -35.62
N ILE A 583 -2.29 4.69 -34.75
CA ILE A 583 -2.41 5.69 -33.65
C ILE A 583 -2.71 7.06 -34.25
N GLU A 584 -2.41 7.25 -35.53
CA GLU A 584 -2.46 8.61 -36.12
C GLU A 584 -3.84 8.83 -36.72
N ASP A 585 -4.65 7.79 -36.77
CA ASP A 585 -5.95 7.89 -37.47
C ASP A 585 -7.14 8.12 -36.52
N PHE A 586 -6.99 8.59 -35.27
CA PHE A 586 -8.18 8.82 -34.43
C PHE A 586 -8.66 10.25 -34.61
N THR A 587 -9.94 10.40 -34.46
CA THR A 587 -10.61 11.68 -34.51
C THR A 587 -11.47 11.79 -33.24
N ILE A 588 -11.93 12.97 -32.90
CA ILE A 588 -12.70 13.17 -31.67
C ILE A 588 -13.91 12.21 -31.61
N SER A 589 -14.51 11.93 -32.76
CA SER A 589 -15.78 11.13 -32.82
C SER A 589 -15.56 9.60 -32.71
N ASP A 590 -14.32 9.12 -32.70
CA ASP A 590 -14.06 7.72 -32.54
C ASP A 590 -14.08 7.32 -31.07
N PHE A 591 -14.45 8.24 -30.17
CA PHE A 591 -14.41 8.05 -28.71
C PHE A 591 -15.81 8.25 -28.11
N THR A 592 -16.38 7.27 -27.41
CA THR A 592 -17.70 7.48 -26.74
C THR A 592 -17.56 7.20 -25.23
N ILE A 593 -18.18 7.97 -24.32
CA ILE A 593 -18.22 7.64 -22.87
C ILE A 593 -19.60 7.08 -22.50
N GLN A 594 -19.67 5.87 -21.96
CA GLN A 594 -20.96 5.28 -21.69
C GLN A 594 -21.17 5.16 -20.19
N ASN A 595 -22.41 5.56 -19.82
CA ASN A 595 -22.97 5.38 -18.54
C ASN A 595 -22.17 6.17 -17.50
N TYR A 596 -21.95 7.44 -17.81
CA TYR A 596 -21.34 8.28 -16.87
C TYR A 596 -22.42 8.79 -15.92
N VAL A 597 -22.36 8.26 -14.69
CA VAL A 597 -23.21 8.71 -13.63
C VAL A 597 -22.39 9.47 -12.59
N HIS A 598 -22.74 10.75 -12.28
CA HIS A 598 -21.85 11.65 -11.45
C HIS A 598 -22.63 12.56 -10.50
N HIS A 599 -21.99 12.97 -9.42
CA HIS A 599 -22.48 14.07 -8.60
C HIS A 599 -22.33 15.41 -9.35
N GLU A 600 -22.73 16.49 -8.69
CA GLU A 600 -22.80 17.87 -9.25
C GLU A 600 -21.37 18.32 -9.61
N LYS A 601 -21.25 19.07 -10.69
CA LYS A 601 -20.07 19.88 -10.94
C LYS A 601 -19.71 20.66 -9.66
N ILE A 602 -18.41 20.82 -9.43
CA ILE A 602 -17.79 21.61 -8.37
C ILE A 602 -16.88 22.67 -9.01
N SER A 603 -16.82 23.87 -8.39
CA SER A 603 -15.86 24.95 -8.76
C SER A 603 -14.64 24.86 -7.83
N MET A 604 -13.56 24.31 -8.31
CA MET A 604 -12.56 23.92 -7.33
C MET A 604 -12.09 25.13 -6.52
N ASP A 605 -11.86 26.27 -7.22
CA ASP A 605 -11.65 27.61 -6.58
C ASP A 605 -13.00 28.30 -6.34
N MET A 606 -13.19 28.89 -5.16
CA MET A 606 -14.52 29.46 -4.76
C MET A 606 -14.61 30.98 -5.08
N ALA A 607 -13.51 31.64 -5.49
CA ALA A 607 -13.49 33.11 -5.89
C ALA A 607 -14.28 33.37 -7.20
N ALA A 608 -14.12 32.49 -8.22
CA ALA A 608 -14.66 32.70 -9.61
C ALA A 608 -15.90 31.83 -9.90
N MET B 1 -1.36 -33.34 32.73
CA MET B 1 -1.20 -31.83 32.70
C MET B 1 -2.17 -31.25 31.62
N MET B 2 -3.37 -30.76 32.06
CA MET B 2 -4.62 -30.52 31.19
C MET B 2 -4.71 -29.04 30.74
N GLU B 3 -4.13 -28.08 31.47
CA GLU B 3 -3.72 -26.79 30.84
C GLU B 3 -2.38 -26.36 31.47
N GLN B 4 -1.49 -25.76 30.68
CA GLN B 4 -0.07 -25.64 31.09
C GLN B 4 0.10 -24.51 32.11
N VAL B 5 1.20 -24.58 32.84
CA VAL B 5 1.39 -23.77 34.05
C VAL B 5 1.45 -22.29 33.64
N CYS B 6 2.42 -22.03 32.74
CA CYS B 6 2.78 -20.71 32.19
C CYS B 6 1.60 -20.10 31.43
N ASP B 7 0.86 -20.98 30.74
CA ASP B 7 -0.37 -20.62 29.99
C ASP B 7 -1.38 -19.99 30.96
N VAL B 8 -1.61 -20.66 32.10
CA VAL B 8 -2.70 -20.33 33.00
C VAL B 8 -2.44 -18.99 33.71
N PHE B 9 -1.19 -18.81 34.16
CA PHE B 9 -0.88 -17.67 35.03
C PHE B 9 -0.28 -16.51 34.21
N ASP B 10 -0.06 -16.73 32.91
CA ASP B 10 0.49 -15.73 31.97
C ASP B 10 1.88 -15.23 32.46
N ILE B 11 2.88 -16.10 32.24
CA ILE B 11 4.26 -15.76 32.54
C ILE B 11 4.97 -15.34 31.25
N TYR B 12 5.59 -14.17 31.34
CA TYR B 12 6.25 -13.54 30.21
C TYR B 12 7.57 -12.90 30.66
N ALA B 13 8.64 -13.30 30.00
CA ALA B 13 9.95 -12.63 30.10
C ALA B 13 9.96 -11.31 29.31
N ILE B 14 10.61 -10.27 29.84
CA ILE B 14 10.95 -9.12 29.02
C ILE B 14 12.42 -8.72 29.22
N CYS B 15 13.15 -8.64 28.11
CA CYS B 15 14.56 -8.33 28.16
C CYS B 15 14.95 -7.30 27.11
N ALA B 16 16.16 -6.76 27.31
CA ALA B 16 16.88 -5.96 26.34
C ALA B 16 18.31 -6.49 26.27
N CYS B 17 18.82 -6.74 25.06
CA CYS B 17 20.17 -7.30 24.91
C CYS B 17 20.96 -6.64 23.79
N CYS B 18 22.04 -5.96 24.17
CA CYS B 18 23.03 -5.37 23.26
C CYS B 18 23.95 -6.44 22.68
N LYS B 19 24.93 -6.02 21.86
CA LYS B 19 26.00 -6.92 21.36
C LYS B 19 27.17 -6.87 22.35
N VAL B 20 28.09 -7.87 22.32
CA VAL B 20 29.26 -7.84 23.28
C VAL B 20 30.64 -7.88 22.58
N GLU B 21 31.54 -6.99 23.05
CA GLU B 21 32.93 -6.85 22.59
C GLU B 21 33.63 -8.16 22.87
N SER B 22 33.92 -8.97 21.85
CA SER B 22 34.88 -10.06 22.02
C SER B 22 36.28 -9.39 22.09
N LYS B 23 37.35 -10.16 22.36
CA LYS B 23 38.74 -9.62 22.36
C LYS B 23 39.55 -10.25 21.22
N ASN B 24 40.05 -9.40 20.30
CA ASN B 24 40.93 -9.74 19.09
C ASN B 24 40.23 -10.79 18.17
N GLU B 25 39.56 -10.34 17.08
CA GLU B 25 38.93 -11.28 16.10
C GLU B 25 39.11 -10.77 14.65
N GLY B 26 38.31 -9.76 14.26
CA GLY B 26 38.01 -9.44 12.84
C GLY B 26 36.49 -9.41 12.56
N LYS B 27 35.87 -8.19 12.61
CA LYS B 27 34.37 -7.94 12.76
C LYS B 27 33.64 -7.89 11.40
N LYS B 28 34.40 -7.74 10.29
CA LYS B 28 33.83 -7.73 8.91
C LYS B 28 33.89 -9.15 8.27
N ASN B 29 34.31 -10.16 9.08
CA ASN B 29 34.33 -11.59 8.69
C ASN B 29 33.71 -12.49 9.77
N GLU B 30 32.95 -11.93 10.75
CA GLU B 30 32.36 -12.70 11.90
C GLU B 30 31.00 -13.28 11.51
N VAL B 31 30.64 -14.40 12.10
CA VAL B 31 29.32 -14.97 11.82
C VAL B 31 28.30 -14.26 12.74
N PHE B 32 27.01 -14.23 12.37
CA PHE B 32 25.95 -13.72 13.26
C PHE B 32 24.87 -14.77 13.48
N ASN B 33 24.14 -14.64 14.60
CA ASN B 33 22.93 -15.47 14.90
C ASN B 33 22.09 -14.81 16.00
N ASN B 34 20.99 -15.47 16.42
CA ASN B 34 20.05 -14.84 17.37
C ASN B 34 20.82 -14.52 18.66
N TYR B 35 21.77 -15.41 18.95
CA TYR B 35 22.65 -15.35 20.08
C TYR B 35 23.55 -14.11 20.01
N THR B 36 23.74 -13.48 18.84
CA THR B 36 24.62 -12.29 18.76
C THR B 36 24.17 -11.23 19.78
N PHE B 37 22.89 -11.25 20.11
CA PHE B 37 22.36 -10.33 21.11
C PHE B 37 22.24 -11.06 22.46
N ARG B 38 23.10 -10.70 23.44
CA ARG B 38 23.09 -11.36 24.79
C ARG B 38 23.31 -10.36 25.93
N GLY B 39 24.00 -9.29 25.67
CA GLY B 39 24.52 -8.52 26.76
C GLY B 39 23.40 -7.94 27.59
N LEU B 40 23.34 -8.32 28.86
CA LEU B 40 22.30 -7.87 29.80
C LEU B 40 22.82 -6.69 30.63
N GLY B 41 23.98 -6.90 31.29
CA GLY B 41 24.43 -5.95 32.33
C GLY B 41 25.95 -5.90 32.52
N ASN B 42 26.37 -4.81 33.16
CA ASN B 42 27.78 -4.57 33.43
C ASN B 42 27.93 -3.85 34.77
N LYS B 43 28.69 -4.50 35.68
CA LYS B 43 29.01 -3.95 36.99
C LYS B 43 27.73 -3.47 37.64
N GLY B 44 26.69 -4.31 37.53
CA GLY B 44 25.37 -4.01 38.14
C GLY B 44 24.75 -2.70 37.68
N VAL B 45 24.89 -2.37 36.41
CA VAL B 45 24.04 -1.37 35.72
C VAL B 45 23.71 -1.96 34.34
N LEU B 46 22.92 -1.17 33.58
CA LEU B 46 22.71 -1.35 32.12
C LEU B 46 24.06 -1.18 31.42
N PRO B 47 24.29 -1.89 30.28
CA PRO B 47 25.56 -1.71 29.54
C PRO B 47 25.61 -0.36 28.80
N TRP B 48 24.44 0.26 28.66
CA TRP B 48 24.23 1.53 27.93
C TRP B 48 23.67 2.63 28.85
N LYS B 49 24.29 3.79 28.80
CA LYS B 49 23.87 4.92 29.64
C LYS B 49 22.34 4.97 29.72
N CYS B 50 21.70 5.20 28.59
CA CYS B 50 20.26 5.43 28.51
C CYS B 50 19.77 5.14 27.09
N ILE B 51 18.88 4.16 26.90
CA ILE B 51 18.18 3.99 25.61
C ILE B 51 16.69 4.20 25.85
N SER B 52 16.26 5.40 25.52
CA SER B 52 14.96 5.92 25.91
C SER B 52 13.79 5.21 25.21
N LEU B 53 13.94 4.65 24.03
CA LEU B 53 12.74 4.07 23.40
C LEU B 53 12.47 2.70 24.03
N ASP B 54 13.52 1.99 24.41
CA ASP B 54 13.31 0.77 25.16
C ASP B 54 12.72 1.01 26.55
N MET B 55 12.87 2.19 27.15
CA MET B 55 12.23 2.49 28.43
C MET B 55 10.73 2.70 28.18
N LYS B 56 10.41 3.53 27.20
CA LYS B 56 9.04 3.84 26.92
C LYS B 56 8.28 2.53 26.73
N TYR B 57 8.91 1.61 25.99
CA TYR B 57 8.29 0.37 25.51
C TYR B 57 8.13 -0.56 26.71
N PHE B 58 9.20 -0.68 27.51
CA PHE B 58 9.29 -1.56 28.69
C PHE B 58 8.20 -1.19 29.70
N ARG B 59 8.04 0.11 29.97
CA ARG B 59 6.97 0.52 30.86
C ARG B 59 5.63 0.15 30.23
N ALA B 60 5.40 0.42 28.94
CA ALA B 60 4.02 0.27 28.35
C ALA B 60 3.61 -1.21 28.22
N VAL B 61 4.58 -2.12 28.18
CA VAL B 61 4.27 -3.55 28.02
C VAL B 61 3.91 -4.16 29.40
N THR B 62 4.55 -3.64 30.46
CA THR B 62 4.35 -4.03 31.91
C THR B 62 3.15 -3.25 32.50
N THR B 63 3.08 -1.91 32.35
CA THR B 63 1.92 -1.14 32.87
C THR B 63 0.60 -1.46 32.11
N TYR B 64 0.58 -1.94 30.84
CA TYR B 64 -0.72 -1.95 30.03
C TYR B 64 -1.62 -3.09 30.50
N VAL B 65 -2.88 -2.74 30.71
CA VAL B 65 -3.88 -3.70 31.12
C VAL B 65 -5.08 -3.61 30.17
N ASN B 66 -5.86 -4.69 30.12
CA ASN B 66 -7.20 -4.61 29.53
C ASN B 66 -8.17 -5.23 30.53
N GLU B 67 -8.96 -4.37 31.20
CA GLU B 67 -9.88 -4.83 32.26
C GLU B 67 -10.78 -5.93 31.69
N SER B 68 -11.37 -5.65 30.52
CA SER B 68 -12.47 -6.44 29.90
C SER B 68 -12.02 -7.85 29.43
N LYS B 69 -10.75 -8.10 29.14
CA LYS B 69 -10.34 -9.48 28.85
C LYS B 69 -10.12 -10.29 30.14
N TYR B 70 -10.17 -9.64 31.31
CA TYR B 70 -9.74 -10.25 32.59
C TYR B 70 -10.67 -11.42 32.97
N GLU B 71 -11.99 -11.23 32.80
CA GLU B 71 -13.00 -12.23 33.21
C GLU B 71 -12.56 -13.62 32.75
N LYS B 72 -12.35 -13.73 31.43
CA LYS B 72 -11.98 -14.99 30.77
C LYS B 72 -10.74 -15.60 31.45
N LEU B 73 -9.80 -14.75 31.90
CA LEU B 73 -8.54 -15.19 32.52
C LEU B 73 -8.78 -15.56 33.99
N LYS B 74 -9.48 -14.70 34.76
CA LYS B 74 -9.89 -15.05 36.13
C LYS B 74 -10.58 -16.42 36.10
N TYR B 75 -11.65 -16.50 35.32
CA TYR B 75 -12.39 -17.75 35.11
C TYR B 75 -11.43 -18.95 35.05
N LYS B 76 -10.60 -19.03 34.01
CA LYS B 76 -9.78 -20.25 33.71
C LYS B 76 -8.72 -20.48 34.79
N ARG B 77 -8.31 -19.41 35.50
CA ARG B 77 -7.34 -19.46 36.63
C ARG B 77 -7.98 -20.17 37.85
N CYS B 78 -8.87 -19.49 38.59
CA CYS B 78 -9.55 -20.12 39.74
C CYS B 78 -9.96 -21.55 39.40
N LYS B 79 -10.42 -21.78 38.16
CA LYS B 79 -10.86 -23.11 37.67
C LYS B 79 -9.72 -24.13 37.81
N TYR B 80 -8.47 -23.74 37.51
CA TYR B 80 -7.32 -24.68 37.55
C TYR B 80 -7.06 -25.16 38.99
N LEU B 81 -6.86 -24.18 39.86
CA LEU B 81 -6.42 -24.38 41.25
C LEU B 81 -7.46 -25.18 42.06
N ASN B 82 -8.75 -24.99 41.71
CA ASN B 82 -9.96 -25.54 42.42
C ASN B 82 -10.24 -24.65 43.66
N LYS B 83 -10.74 -23.39 43.42
CA LYS B 83 -11.00 -22.31 44.48
C LYS B 83 -11.97 -21.19 43.97
N GLU B 84 -12.16 -20.12 44.80
CA GLU B 84 -12.85 -18.83 44.41
C GLU B 84 -12.28 -17.63 45.20
N THR B 85 -11.15 -17.03 44.74
CA THR B 85 -10.82 -15.59 44.97
C THR B 85 -11.78 -14.73 44.11
N PRO B 93 -13.77 -4.10 44.76
CA PRO B 93 -13.44 -5.34 45.52
C PRO B 93 -12.00 -5.39 46.06
N ASN B 94 -11.13 -4.52 45.52
CA ASN B 94 -9.67 -4.50 45.78
C ASN B 94 -9.12 -3.20 45.17
N SER B 95 -7.80 -3.13 44.91
CA SER B 95 -7.18 -1.97 44.18
C SER B 95 -7.95 -1.69 42.88
N LYS B 96 -8.82 -0.65 42.96
CA LYS B 96 -9.80 -0.22 41.90
C LYS B 96 -9.30 -0.57 40.48
N LYS B 97 -8.03 -0.26 40.14
CA LYS B 97 -7.45 -0.64 38.83
C LYS B 97 -6.60 -1.92 38.99
N LEU B 98 -6.88 -2.84 38.06
CA LEU B 98 -6.16 -4.10 37.89
C LEU B 98 -4.72 -3.80 37.45
N GLN B 99 -3.77 -4.63 37.89
CA GLN B 99 -2.37 -4.32 37.68
C GLN B 99 -1.60 -5.63 37.43
N ASN B 100 -0.42 -5.45 36.85
CA ASN B 100 0.38 -6.55 36.35
C ASN B 100 1.37 -6.92 37.45
N VAL B 101 1.82 -8.17 37.45
CA VAL B 101 2.90 -8.59 38.32
C VAL B 101 4.22 -8.51 37.55
N VAL B 102 5.20 -7.91 38.24
CA VAL B 102 6.59 -7.87 37.76
C VAL B 102 7.47 -8.62 38.77
N VAL B 103 8.36 -9.49 38.28
CA VAL B 103 9.04 -10.52 39.08
C VAL B 103 10.56 -10.49 38.88
N MET B 104 11.28 -9.85 39.81
CA MET B 104 12.69 -9.51 39.63
C MET B 104 13.49 -9.91 40.87
N GLY B 105 14.59 -10.64 40.63
CA GLY B 105 15.55 -11.10 41.65
C GLY B 105 16.16 -9.93 42.42
N ARG B 106 16.78 -10.25 43.58
CA ARG B 106 17.38 -9.25 44.51
C ARG B 106 18.41 -8.43 43.74
N THR B 107 19.42 -9.11 43.17
CA THR B 107 20.57 -8.42 42.50
C THR B 107 20.03 -7.25 41.68
N ASN B 108 19.10 -7.67 40.82
CA ASN B 108 18.30 -6.86 39.93
C ASN B 108 17.52 -5.81 40.73
N TRP B 109 16.70 -6.23 41.69
CA TRP B 109 15.97 -5.26 42.53
C TRP B 109 16.97 -4.30 43.20
N GLU B 110 18.06 -4.85 43.75
CA GLU B 110 19.03 -4.06 44.51
C GLU B 110 19.77 -3.09 43.58
N SER B 111 19.96 -3.44 42.30
CA SER B 111 20.59 -2.50 41.35
C SER B 111 19.57 -1.55 40.69
N ILE B 112 18.40 -1.35 41.28
CA ILE B 112 17.59 -0.19 40.87
C ILE B 112 17.69 0.87 41.96
N PRO B 113 17.65 2.17 41.56
CA PRO B 113 17.40 3.32 42.45
C PRO B 113 15.99 3.31 43.04
N LYS B 114 15.93 3.70 44.31
CA LYS B 114 14.72 3.59 45.10
C LYS B 114 13.88 4.88 44.95
N LYS B 115 14.15 5.69 43.94
CA LYS B 115 13.38 6.94 43.74
C LYS B 115 12.09 6.62 42.96
N PHE B 116 12.24 5.61 42.12
CA PHE B 116 11.21 5.13 41.22
C PHE B 116 10.68 3.78 41.77
N LYS B 117 10.83 3.54 43.07
CA LYS B 117 10.49 2.22 43.68
C LYS B 117 9.34 2.31 44.72
N PRO B 118 8.57 1.22 44.83
CA PRO B 118 8.39 0.18 43.81
C PRO B 118 7.78 0.76 42.52
N LEU B 119 7.82 -0.08 41.49
CA LEU B 119 7.57 0.29 40.08
C LEU B 119 6.13 0.76 39.88
N SER B 120 5.92 2.01 39.46
CA SER B 120 4.58 2.63 39.45
C SER B 120 3.56 1.78 38.66
N ASN B 121 2.45 1.51 39.32
CA ASN B 121 1.26 0.86 38.75
C ASN B 121 1.53 -0.62 38.45
N ARG B 122 2.44 -1.25 39.18
CA ARG B 122 2.77 -2.65 39.02
C ARG B 122 2.78 -3.34 40.40
N ILE B 123 2.24 -4.53 40.47
CA ILE B 123 2.49 -5.33 41.66
C ILE B 123 3.95 -5.75 41.59
N ASN B 124 4.83 -5.23 42.44
CA ASN B 124 6.23 -5.67 42.40
C ASN B 124 6.37 -6.99 43.19
N VAL B 125 7.22 -7.92 42.75
CA VAL B 125 7.61 -9.13 43.51
C VAL B 125 9.12 -9.07 43.74
N ILE B 126 9.74 -10.00 44.50
CA ILE B 126 11.24 -10.24 44.50
C ILE B 126 11.55 -11.73 44.82
N LEU B 127 12.70 -12.21 44.37
CA LEU B 127 13.30 -13.49 44.83
C LEU B 127 14.50 -13.20 45.73
N SER B 128 14.63 -13.94 46.84
CA SER B 128 15.86 -13.92 47.68
C SER B 128 15.72 -14.88 48.86
N ARG B 129 16.88 -15.17 49.46
CA ARG B 129 17.04 -15.90 50.73
C ARG B 129 17.77 -15.04 51.78
N THR B 130 17.93 -13.76 51.49
CA THR B 130 18.61 -12.83 52.40
C THR B 130 17.57 -11.88 53.00
N LEU B 131 16.38 -11.81 52.40
CA LEU B 131 15.40 -10.81 52.80
C LEU B 131 14.11 -11.53 53.17
N LYS B 132 13.25 -10.80 53.90
CA LYS B 132 11.92 -11.31 54.25
C LYS B 132 10.93 -10.15 54.52
N LYS B 133 9.68 -10.55 54.40
CA LYS B 133 8.48 -9.71 54.55
C LYS B 133 8.75 -8.56 55.53
N GLU B 134 9.16 -8.89 56.77
CA GLU B 134 9.20 -7.96 57.95
C GLU B 134 10.05 -6.69 57.67
N ASP B 135 11.30 -6.79 57.20
CA ASP B 135 12.13 -5.56 56.97
C ASP B 135 11.72 -4.91 55.63
N PHE B 136 10.46 -4.45 55.48
CA PHE B 136 9.89 -3.91 54.17
C PHE B 136 8.52 -3.22 54.33
N ASP B 137 8.01 -2.73 53.19
CA ASP B 137 6.59 -2.32 52.97
C ASP B 137 5.66 -3.55 53.03
N GLU B 138 4.34 -3.28 53.08
CA GLU B 138 3.28 -4.33 52.96
C GLU B 138 2.83 -4.46 51.49
N ASP B 139 2.87 -3.32 50.75
CA ASP B 139 2.80 -3.15 49.22
C ASP B 139 3.57 -4.28 48.50
N VAL B 140 4.92 -4.27 48.63
CA VAL B 140 5.85 -5.28 48.02
C VAL B 140 5.47 -6.67 48.55
N TYR B 141 5.83 -7.72 47.80
CA TYR B 141 5.79 -9.10 48.28
C TYR B 141 7.20 -9.70 48.12
N ILE B 142 7.42 -10.88 48.69
CA ILE B 142 8.63 -11.66 48.39
C ILE B 142 8.34 -13.16 48.60
N ILE B 143 8.97 -13.95 47.74
CA ILE B 143 8.98 -15.41 47.83
C ILE B 143 10.45 -15.84 47.99
N ASN B 144 10.75 -17.11 47.71
CA ASN B 144 11.99 -17.73 48.19
C ASN B 144 12.41 -18.82 47.22
N LYS B 145 11.44 -19.61 46.71
CA LYS B 145 11.69 -20.46 45.56
C LYS B 145 10.84 -19.96 44.38
N VAL B 146 10.79 -20.78 43.33
CA VAL B 146 10.04 -20.51 42.10
C VAL B 146 8.57 -20.88 42.36
N GLU B 147 8.40 -22.13 42.80
CA GLU B 147 7.09 -22.74 42.94
C GLU B 147 6.24 -21.87 43.88
N ASP B 148 6.92 -21.06 44.73
CA ASP B 148 6.29 -20.15 45.74
C ASP B 148 5.60 -18.97 45.06
N LEU B 149 5.96 -18.69 43.79
CA LEU B 149 5.36 -17.58 43.02
C LEU B 149 3.94 -17.96 42.59
N ILE B 150 3.82 -19.00 41.72
CA ILE B 150 2.52 -19.53 41.25
C ILE B 150 1.46 -19.31 42.34
N VAL B 151 1.83 -19.77 43.55
CA VAL B 151 1.06 -19.61 44.80
C VAL B 151 0.64 -18.14 44.97
N LEU B 152 1.56 -17.16 45.02
CA LEU B 152 1.18 -15.73 45.25
C LEU B 152 0.26 -15.18 44.14
N LEU B 153 0.39 -15.71 42.94
CA LEU B 153 -0.40 -15.21 41.81
C LEU B 153 -1.89 -15.59 42.00
N GLY B 154 -2.14 -16.89 42.20
CA GLY B 154 -3.52 -17.43 42.31
C GLY B 154 -4.32 -16.83 43.47
N LYS B 155 -3.60 -16.35 44.48
CA LYS B 155 -4.18 -15.69 45.63
C LYS B 155 -4.12 -14.16 45.44
N LEU B 156 -4.14 -13.67 44.17
CA LEU B 156 -4.03 -12.20 43.80
C LEU B 156 -4.78 -11.87 42.51
N ASN B 157 -5.28 -10.62 42.47
CA ASN B 157 -5.86 -9.99 41.27
C ASN B 157 -4.72 -9.36 40.45
N TYR B 158 -4.37 -9.96 39.30
CA TYR B 158 -3.28 -9.47 38.40
C TYR B 158 -3.60 -9.78 36.94
N TYR B 159 -3.18 -8.90 36.02
CA TYR B 159 -3.48 -9.08 34.56
C TYR B 159 -2.51 -10.10 33.95
N LYS B 160 -1.24 -9.72 33.75
CA LYS B 160 -0.21 -10.69 33.31
C LYS B 160 1.04 -10.52 34.18
N CYS B 161 1.83 -11.59 34.33
CA CYS B 161 3.05 -11.54 35.11
C CYS B 161 4.32 -11.49 34.23
N PHE B 162 5.22 -10.55 34.53
CA PHE B 162 6.41 -10.33 33.70
C PHE B 162 7.74 -10.58 34.44
N ILE B 163 8.42 -11.66 34.08
CA ILE B 163 9.82 -11.88 34.54
C ILE B 163 10.70 -10.74 34.01
N LEU B 164 11.18 -9.86 34.88
CA LEU B 164 12.32 -9.01 34.50
C LEU B 164 13.63 -9.73 34.81
N GLY B 165 13.66 -10.42 35.95
CA GLY B 165 14.75 -11.32 36.37
C GLY B 165 16.16 -10.71 36.40
N GLY B 166 17.07 -11.51 35.90
CA GLY B 166 18.49 -11.30 35.91
C GLY B 166 19.07 -12.53 35.26
N SER B 167 20.36 -12.55 34.93
CA SER B 167 20.90 -13.73 34.26
C SER B 167 20.20 -14.97 34.83
N VAL B 168 20.39 -15.11 36.14
CA VAL B 168 20.04 -16.30 36.91
C VAL B 168 18.53 -16.56 36.81
N VAL B 169 17.74 -15.57 37.22
CA VAL B 169 16.30 -15.69 37.16
C VAL B 169 15.85 -16.17 35.78
N TYR B 170 16.25 -15.48 34.69
CA TYR B 170 15.93 -15.97 33.33
C TYR B 170 16.43 -17.42 33.17
N GLN B 171 17.72 -17.63 33.47
CA GLN B 171 18.41 -18.92 33.27
C GLN B 171 17.49 -20.07 33.72
N GLU B 172 16.97 -19.97 34.95
CA GLU B 172 16.19 -21.09 35.50
C GLU B 172 14.77 -21.06 34.95
N PHE B 173 13.94 -20.07 35.29
CA PHE B 173 12.58 -20.02 34.71
C PHE B 173 12.55 -20.71 33.33
N LEU B 174 13.56 -20.42 32.49
CA LEU B 174 13.55 -20.90 31.10
C LEU B 174 13.99 -22.37 30.99
N GLU B 175 14.83 -22.88 31.92
CA GLU B 175 15.08 -24.36 31.99
C GLU B 175 13.72 -25.05 32.04
N LYS B 176 12.91 -24.56 32.98
CA LYS B 176 11.74 -25.25 33.51
C LYS B 176 10.43 -24.85 32.75
N LYS B 177 10.55 -24.40 31.51
CA LYS B 177 9.44 -24.31 30.54
C LYS B 177 8.31 -23.40 31.07
N LEU B 178 8.61 -22.53 32.03
CA LEU B 178 7.56 -21.69 32.64
C LEU B 178 7.40 -20.32 31.92
N ILE B 179 7.96 -20.16 30.71
CA ILE B 179 7.82 -18.87 29.98
C ILE B 179 6.95 -19.10 28.75
N LYS B 180 5.94 -18.25 28.56
CA LYS B 180 5.04 -18.34 27.41
C LYS B 180 5.58 -17.57 26.19
N LYS B 181 6.05 -16.34 26.42
CA LYS B 181 6.60 -15.49 25.35
C LYS B 181 7.71 -14.60 25.91
N ILE B 182 8.70 -14.32 25.05
CA ILE B 182 9.79 -13.43 25.38
C ILE B 182 9.67 -12.19 24.48
N TYR B 183 9.65 -11.02 25.10
CA TYR B 183 9.64 -9.72 24.49
C TYR B 183 11.07 -9.16 24.50
N PHE B 184 11.74 -9.28 23.37
CA PHE B 184 13.18 -9.22 23.34
C PHE B 184 13.56 -8.02 22.49
N THR B 185 13.97 -6.94 23.14
CA THR B 185 14.56 -5.80 22.48
C THR B 185 16.01 -6.09 22.03
N ARG B 186 16.27 -6.01 20.72
CA ARG B 186 17.63 -6.20 20.24
C ARG B 186 18.25 -4.84 20.06
N ILE B 187 19.24 -4.53 20.92
CA ILE B 187 19.95 -3.23 20.89
C ILE B 187 21.17 -3.40 20.00
N ASN B 188 21.23 -2.66 18.87
CA ASN B 188 22.26 -2.89 17.84
C ASN B 188 23.40 -1.90 18.04
N SER B 189 24.11 -2.04 19.18
CA SER B 189 25.46 -1.53 19.41
C SER B 189 26.23 -2.54 20.26
N THR B 190 27.50 -2.24 20.51
CA THR B 190 28.38 -3.09 21.36
C THR B 190 28.77 -2.30 22.61
N TYR B 191 28.91 -3.08 23.67
CA TYR B 191 29.24 -2.61 25.01
C TYR B 191 29.93 -3.74 25.79
N GLU B 192 30.71 -3.35 26.80
CA GLU B 192 31.32 -4.34 27.70
C GLU B 192 30.21 -4.82 28.64
N CYS B 193 30.15 -6.15 28.78
CA CYS B 193 29.12 -6.81 29.58
C CYS B 193 29.74 -7.90 30.48
N ASP B 194 29.37 -7.91 31.77
CA ASP B 194 29.71 -9.07 32.64
C ASP B 194 28.63 -10.17 32.48
N VAL B 195 27.36 -9.80 32.35
CA VAL B 195 26.27 -10.76 32.59
C VAL B 195 25.36 -10.88 31.36
N PHE B 196 25.25 -12.10 30.86
CA PHE B 196 24.62 -12.42 29.57
C PHE B 196 23.29 -13.20 29.71
N PHE B 197 22.32 -12.87 28.86
CA PHE B 197 21.06 -13.62 28.69
C PHE B 197 21.36 -15.03 28.13
N PRO B 198 20.55 -16.04 28.45
CA PRO B 198 21.01 -17.40 28.11
C PRO B 198 20.72 -17.80 26.66
N GLU B 199 21.56 -18.67 26.11
CA GLU B 199 21.25 -19.23 24.82
C GLU B 199 19.85 -19.86 24.94
N ILE B 200 18.97 -19.36 24.10
CA ILE B 200 17.60 -19.84 23.91
C ILE B 200 17.63 -21.11 23.04
N ASN B 201 16.97 -22.18 23.50
CA ASN B 201 16.85 -23.38 22.65
C ASN B 201 15.77 -23.13 21.60
N GLU B 202 16.10 -23.41 20.35
CA GLU B 202 15.22 -23.16 19.23
C GLU B 202 14.02 -24.12 19.24
N ASN B 203 14.21 -25.35 19.71
CA ASN B 203 13.12 -26.34 19.71
C ASN B 203 12.07 -25.99 20.79
N GLU B 204 12.40 -25.07 21.70
CA GLU B 204 11.47 -24.59 22.73
C GLU B 204 10.81 -23.27 22.29
N TYR B 205 11.55 -22.37 21.61
CA TYR B 205 11.05 -20.99 21.33
C TYR B 205 11.35 -20.57 19.87
N GLN B 206 10.43 -19.89 19.22
CA GLN B 206 10.71 -19.43 17.86
C GLN B 206 10.18 -18.01 17.70
N ILE B 207 10.86 -17.24 16.88
CA ILE B 207 10.40 -15.86 16.67
C ILE B 207 9.08 -15.94 15.89
N ILE B 208 8.11 -15.11 16.25
CA ILE B 208 6.79 -15.04 15.55
C ILE B 208 6.46 -13.61 15.12
N SER B 209 7.25 -12.61 15.50
CA SER B 209 6.88 -11.23 15.27
C SER B 209 8.14 -10.37 15.44
N VAL B 210 8.29 -9.42 14.51
CA VAL B 210 9.45 -8.51 14.44
C VAL B 210 8.95 -7.10 14.07
N SER B 211 9.43 -6.11 14.82
CA SER B 211 8.94 -4.76 14.77
C SER B 211 9.63 -3.96 13.68
N ASP B 212 9.13 -2.74 13.48
CA ASP B 212 9.84 -1.65 12.75
C ASP B 212 11.24 -1.51 13.38
N VAL B 213 12.11 -0.75 12.73
CA VAL B 213 13.49 -0.53 13.20
C VAL B 213 13.58 0.95 13.52
N TYR B 214 14.22 1.30 14.64
CA TYR B 214 14.13 2.69 15.11
C TYR B 214 15.53 3.17 15.48
N THR B 215 15.68 4.50 15.61
CA THR B 215 16.87 5.07 16.28
C THR B 215 16.44 5.80 17.56
N SER B 216 17.21 5.55 18.62
CA SER B 216 17.02 6.17 19.93
C SER B 216 18.41 6.40 20.49
N ASN B 217 18.70 7.66 20.89
CA ASN B 217 20.00 7.94 21.53
C ASN B 217 21.16 7.28 20.75
N ASN B 218 21.20 7.48 19.43
CA ASN B 218 22.35 7.16 18.56
C ASN B 218 22.65 5.64 18.51
N THR B 219 21.62 4.81 18.53
CA THR B 219 21.73 3.38 18.18
C THR B 219 20.42 2.95 17.52
N THR B 220 20.55 1.88 16.74
CA THR B 220 19.37 1.25 16.12
C THR B 220 18.91 0.15 17.09
N LEU B 221 17.66 -0.30 16.91
CA LEU B 221 17.14 -1.40 17.69
C LEU B 221 15.79 -1.81 17.10
N ASP B 222 15.49 -3.08 17.25
CA ASP B 222 14.16 -3.54 17.02
C ASP B 222 13.70 -4.38 18.23
N PHE B 223 12.38 -4.61 18.29
CA PHE B 223 11.69 -5.44 19.31
C PHE B 223 11.16 -6.68 18.61
N ILE B 224 11.44 -7.84 19.15
CA ILE B 224 10.98 -9.12 18.57
C ILE B 224 10.24 -9.92 19.64
N ILE B 225 9.67 -11.02 19.19
CA ILE B 225 8.90 -11.81 20.09
C ILE B 225 9.11 -13.28 19.77
N TYR B 226 9.66 -14.00 20.76
CA TYR B 226 9.65 -15.45 20.74
C TYR B 226 8.41 -16.02 21.43
N LYS B 227 7.83 -17.07 20.83
CA LYS B 227 6.68 -17.83 21.35
C LYS B 227 7.12 -19.27 21.62
N LYS B 228 6.61 -19.83 22.71
CA LYS B 228 6.85 -21.23 23.14
C LYS B 228 6.30 -22.15 22.04
N THR B 229 7.18 -22.89 21.39
CA THR B 229 6.74 -23.87 20.38
C THR B 229 5.99 -25.04 21.00
N ASN B 230 4.94 -25.47 20.31
CA ASN B 230 4.19 -26.67 20.71
C ASN B 230 5.08 -27.91 20.47
N ASN B 231 5.48 -28.57 21.58
CA ASN B 231 6.33 -29.82 21.63
C ASN B 231 5.57 -30.95 22.39
N LYS B 232 5.31 -30.73 23.71
CA LYS B 232 4.69 -31.68 24.75
C LYS B 232 5.81 -32.37 25.55
N ASP B 283 -18.98 -6.07 16.95
CA ASP B 283 -19.69 -6.19 15.64
C ASP B 283 -18.97 -7.26 14.79
N ASP B 284 -19.48 -8.49 14.91
CA ASP B 284 -19.29 -9.54 13.86
C ASP B 284 -20.38 -9.40 12.79
N GLU B 285 -21.22 -8.36 12.90
CA GLU B 285 -22.08 -7.92 11.80
C GLU B 285 -21.26 -7.94 10.51
N GLU B 286 -20.22 -7.11 10.59
CA GLU B 286 -19.53 -6.63 9.41
C GLU B 286 -18.35 -7.56 9.11
N GLU B 287 -18.19 -8.64 9.90
CA GLU B 287 -17.28 -9.75 9.54
C GLU B 287 -17.85 -10.53 8.35
N ASP B 288 -19.18 -10.50 8.20
CA ASP B 288 -19.90 -11.21 7.11
C ASP B 288 -19.89 -10.35 5.81
N ASP B 289 -20.23 -9.07 6.02
CA ASP B 289 -20.14 -8.02 5.05
C ASP B 289 -18.78 -8.11 4.36
N PHE B 290 -17.74 -8.31 5.15
CA PHE B 290 -16.37 -8.65 4.68
C PHE B 290 -16.41 -9.92 3.83
N VAL B 291 -16.98 -11.01 4.34
CA VAL B 291 -17.01 -12.29 3.59
C VAL B 291 -17.77 -12.10 2.28
N TYR B 292 -18.82 -11.30 2.28
CA TYR B 292 -19.58 -11.08 1.04
C TYR B 292 -18.80 -10.20 0.03
N PHE B 293 -17.95 -9.29 0.52
CA PHE B 293 -17.15 -8.46 -0.38
C PHE B 293 -16.07 -9.34 -1.03
N ASN B 294 -15.80 -10.50 -0.45
CA ASN B 294 -14.75 -11.35 -1.01
C ASN B 294 -15.29 -12.48 -1.88
N PHE B 295 -16.58 -12.46 -2.22
CA PHE B 295 -17.23 -13.49 -3.01
C PHE B 295 -16.54 -13.85 -4.35
N ASN B 296 -15.59 -13.06 -4.88
CA ASN B 296 -15.16 -13.27 -6.32
C ASN B 296 -13.70 -13.74 -6.39
N LYS B 297 -13.17 -14.30 -5.29
CA LYS B 297 -11.73 -14.59 -5.20
C LYS B 297 -11.40 -15.96 -5.81
N GLU B 298 -10.27 -15.95 -6.51
CA GLU B 298 -9.54 -17.12 -6.87
C GLU B 298 -9.47 -18.07 -5.67
N LYS B 299 -9.71 -19.38 -5.88
CA LYS B 299 -9.50 -20.43 -4.80
C LYS B 299 -8.10 -21.08 -4.90
N GLU B 300 -7.07 -20.30 -5.25
CA GLU B 300 -5.76 -20.82 -5.72
C GLU B 300 -4.83 -19.64 -6.07
N GLU B 301 -3.58 -19.77 -5.61
CA GLU B 301 -2.39 -19.02 -6.13
C GLU B 301 -1.89 -19.74 -7.41
N LYS B 302 -1.59 -18.97 -8.48
CA LYS B 302 -1.35 -19.51 -9.89
C LYS B 302 0.01 -20.21 -10.02
N ASN B 303 1.07 -19.55 -9.55
CA ASN B 303 2.43 -20.12 -9.47
C ASN B 303 2.56 -20.99 -8.20
N LYS B 304 1.45 -21.57 -7.67
CA LYS B 304 1.53 -22.60 -6.61
C LYS B 304 1.86 -23.96 -7.27
N ASN B 305 1.85 -24.06 -8.61
CA ASN B 305 2.26 -25.31 -9.31
C ASN B 305 3.78 -25.39 -9.46
N SER B 306 4.46 -24.23 -9.58
CA SER B 306 5.94 -24.10 -9.59
C SER B 306 6.51 -23.82 -8.18
N ILE B 307 5.85 -22.98 -7.37
CA ILE B 307 6.43 -22.35 -6.13
C ILE B 307 5.50 -22.54 -4.91
N HIS B 308 5.74 -23.53 -4.02
CA HIS B 308 4.73 -24.00 -2.96
C HIS B 308 4.84 -23.20 -1.63
N PRO B 309 3.70 -22.82 -0.95
CA PRO B 309 3.67 -22.13 0.39
C PRO B 309 4.48 -22.82 1.52
N ASN B 310 4.55 -24.16 1.45
CA ASN B 310 5.42 -25.03 2.31
C ASN B 310 6.92 -24.79 2.06
N ASP B 311 7.27 -24.30 0.87
CA ASP B 311 8.61 -23.77 0.61
C ASP B 311 8.83 -22.43 1.35
N PHE B 312 7.79 -21.87 2.03
CA PHE B 312 7.87 -20.57 2.74
C PHE B 312 7.43 -20.71 4.21
N GLN B 313 7.87 -21.74 4.94
CA GLN B 313 7.18 -22.05 6.20
C GLN B 313 7.56 -21.01 7.25
N ILE B 314 8.82 -20.64 7.35
CA ILE B 314 9.20 -19.64 8.36
C ILE B 314 8.72 -18.24 7.95
N TYR B 315 8.67 -17.90 6.64
CA TYR B 315 8.09 -16.60 6.19
C TYR B 315 6.63 -16.49 6.60
N ASN B 316 5.83 -17.50 6.28
CA ASN B 316 4.37 -17.47 6.67
C ASN B 316 4.15 -17.73 8.17
N SER B 317 5.13 -18.21 8.94
CA SER B 317 4.88 -18.48 10.39
C SER B 317 4.67 -17.16 11.13
N LEU B 318 5.23 -16.08 10.64
CA LEU B 318 5.34 -14.95 11.50
C LEU B 318 4.05 -14.17 11.46
N LYS B 319 3.61 -13.75 12.63
CA LYS B 319 2.38 -13.02 12.74
C LYS B 319 2.65 -11.58 12.27
N TYR B 320 3.44 -10.80 12.98
CA TYR B 320 3.71 -9.42 12.57
C TYR B 320 5.12 -9.26 11.99
N LYS B 321 5.18 -8.81 10.74
CA LYS B 321 6.41 -8.68 9.96
C LYS B 321 6.61 -7.22 9.54
N TYR B 322 7.00 -6.39 10.53
CA TYR B 322 6.94 -4.91 10.41
C TYR B 322 8.31 -4.34 10.04
N HIS B 323 9.35 -5.13 10.28
CA HIS B 323 10.68 -4.77 9.82
C HIS B 323 10.67 -4.28 8.34
N PRO B 324 11.33 -3.18 8.05
CA PRO B 324 11.27 -2.59 6.74
C PRO B 324 11.84 -3.44 5.59
N GLU B 325 12.68 -4.37 5.92
CA GLU B 325 13.19 -5.30 4.93
C GLU B 325 12.03 -6.11 4.33
N TYR B 326 10.91 -6.25 5.01
CA TYR B 326 9.83 -7.11 4.46
C TYR B 326 9.17 -6.43 3.25
N GLN B 327 9.44 -5.15 3.06
CA GLN B 327 8.92 -4.44 1.91
C GLN B 327 9.61 -4.94 0.64
N TYR B 328 10.90 -5.28 0.74
CA TYR B 328 11.61 -5.96 -0.33
C TYR B 328 11.17 -7.44 -0.34
N LEU B 329 11.04 -8.13 0.80
CA LEU B 329 10.87 -9.61 0.76
C LEU B 329 9.47 -9.96 0.29
N ASN B 330 8.53 -9.10 0.60
CA ASN B 330 7.13 -9.37 0.24
C ASN B 330 6.90 -9.07 -1.24
N ILE B 331 7.78 -8.29 -1.83
CA ILE B 331 7.66 -8.05 -3.26
C ILE B 331 8.10 -9.32 -3.98
N ILE B 332 9.21 -9.89 -3.50
CA ILE B 332 9.71 -11.12 -4.02
C ILE B 332 8.64 -12.21 -3.87
N TYR B 333 8.03 -12.27 -2.69
CA TYR B 333 7.01 -13.24 -2.44
C TYR B 333 5.84 -13.04 -3.42
N ASP B 334 5.39 -11.80 -3.59
CA ASP B 334 4.26 -11.52 -4.48
C ASP B 334 4.63 -12.00 -5.89
N ILE B 335 5.87 -11.78 -6.29
CA ILE B 335 6.23 -12.16 -7.61
C ILE B 335 6.25 -13.67 -7.69
N MET B 336 6.82 -14.37 -6.72
CA MET B 336 6.99 -15.82 -6.89
C MET B 336 5.66 -16.57 -6.91
N MET B 337 4.66 -16.04 -6.26
CA MET B 337 3.36 -16.66 -6.12
C MET B 337 2.39 -16.23 -7.22
N ASN B 338 2.51 -14.99 -7.74
CA ASN B 338 1.45 -14.34 -8.60
C ASN B 338 2.08 -13.71 -9.86
N GLY B 339 3.40 -13.80 -10.01
CA GLY B 339 4.09 -13.23 -11.17
C GLY B 339 3.71 -13.88 -12.49
N ASN B 340 4.20 -13.33 -13.55
CA ASN B 340 3.85 -13.74 -14.86
C ASN B 340 5.10 -14.32 -15.51
N LYS B 341 4.94 -15.56 -16.01
CA LYS B 341 6.02 -16.26 -16.71
C LYS B 341 6.32 -15.51 -17.98
N GLN B 342 7.55 -15.07 -18.16
CA GLN B 342 7.92 -14.29 -19.33
C GLN B 342 9.37 -14.57 -19.67
N SER B 343 9.66 -14.38 -20.94
CA SER B 343 10.96 -14.40 -21.42
C SER B 343 11.47 -12.96 -21.53
N ASP B 344 12.76 -12.84 -21.75
CA ASP B 344 13.39 -11.62 -21.79
C ASP B 344 14.61 -11.76 -22.71
N ARG B 345 15.16 -10.59 -23.00
CA ARG B 345 16.38 -10.34 -23.79
C ARG B 345 17.52 -11.33 -23.45
N THR B 346 17.78 -11.62 -22.17
CA THR B 346 18.96 -12.46 -21.69
C THR B 346 18.71 -13.96 -21.90
N GLY B 347 17.43 -14.35 -22.11
CA GLY B 347 17.04 -15.72 -22.39
C GLY B 347 16.96 -16.60 -21.16
N VAL B 348 17.07 -16.06 -19.95
CA VAL B 348 16.95 -16.91 -18.78
C VAL B 348 15.45 -17.09 -18.40
N GLY B 349 14.58 -16.15 -18.80
CA GLY B 349 13.14 -16.06 -18.33
C GLY B 349 12.99 -15.60 -16.87
N VAL B 350 11.87 -14.99 -16.62
CA VAL B 350 11.66 -14.31 -15.36
C VAL B 350 10.26 -14.67 -14.93
N LEU B 351 9.99 -14.47 -13.64
CA LEU B 351 8.61 -14.10 -13.19
C LEU B 351 8.58 -12.57 -13.00
N SER B 352 7.58 -11.89 -13.50
CA SER B 352 7.59 -10.42 -13.49
C SER B 352 6.24 -9.88 -13.05
N LYS B 353 6.29 -8.72 -12.38
CA LYS B 353 5.12 -7.90 -12.17
C LYS B 353 5.47 -6.44 -12.48
N PHE B 354 4.47 -5.57 -12.46
CA PHE B 354 4.59 -4.19 -12.96
C PHE B 354 4.06 -3.20 -11.92
N GLY B 355 4.98 -2.42 -11.35
CA GLY B 355 4.60 -1.28 -10.50
C GLY B 355 4.48 -1.63 -9.03
N TYR B 356 5.50 -1.25 -8.22
CA TYR B 356 5.50 -1.29 -6.78
C TYR B 356 6.19 -0.07 -6.20
N ILE B 357 5.93 0.24 -4.90
CA ILE B 357 6.65 1.33 -4.15
C ILE B 357 7.24 0.75 -2.86
N MET B 358 8.50 1.04 -2.61
CA MET B 358 9.11 0.79 -1.30
C MET B 358 9.52 2.14 -0.71
N LYS B 359 9.45 2.26 0.62
CA LYS B 359 9.83 3.52 1.33
C LYS B 359 10.62 3.16 2.57
N PHE B 360 11.71 3.88 2.78
CA PHE B 360 12.69 3.57 3.76
C PHE B 360 13.02 4.86 4.49
N ASP B 361 12.96 4.84 5.82
CA ASP B 361 13.16 6.00 6.69
C ASP B 361 14.65 6.15 7.01
N LEU B 362 15.38 6.96 6.23
CA LEU B 362 16.82 6.98 6.44
C LEU B 362 17.15 7.70 7.75
N SER B 363 16.20 8.43 8.35
CA SER B 363 16.39 9.11 9.64
C SER B 363 16.53 8.07 10.77
N GLN B 364 15.98 6.87 10.58
CA GLN B 364 15.91 5.81 11.64
C GLN B 364 16.88 4.65 11.39
N TYR B 365 17.33 4.42 10.16
CA TYR B 365 18.23 3.29 9.85
C TYR B 365 18.78 3.48 8.43
N PHE B 366 19.75 2.67 8.09
CA PHE B 366 20.27 2.60 6.73
C PHE B 366 19.86 1.25 6.17
N PRO B 367 19.19 1.22 5.00
CA PRO B 367 18.48 -0.05 4.72
C PRO B 367 19.35 -1.04 3.92
N LEU B 368 20.36 -1.57 4.56
CA LEU B 368 21.19 -2.53 3.94
C LEU B 368 20.70 -3.93 4.30
N LEU B 369 20.30 -4.70 3.29
CA LEU B 369 19.52 -5.92 3.54
C LEU B 369 20.27 -6.82 4.51
N THR B 370 19.57 -7.44 5.44
CA THR B 370 20.31 -8.18 6.40
C THR B 370 20.04 -9.66 6.24
N THR B 371 19.16 -10.07 5.32
CA THR B 371 18.90 -11.49 5.11
C THR B 371 19.94 -12.11 4.16
N LYS B 372 20.97 -11.37 3.81
CA LYS B 372 22.07 -11.95 3.03
C LYS B 372 23.18 -10.92 3.09
N LYS B 373 24.39 -11.25 2.67
CA LYS B 373 25.53 -10.31 2.82
C LYS B 373 25.69 -9.47 1.55
N LEU B 374 25.84 -8.16 1.74
CA LEU B 374 26.14 -7.19 0.71
C LEU B 374 27.32 -6.31 1.13
N PHE B 375 28.17 -5.97 0.17
CA PHE B 375 29.32 -5.12 0.32
C PHE B 375 29.04 -3.78 -0.34
N LEU B 376 29.71 -2.71 0.08
CA LEU B 376 29.33 -1.40 -0.48
C LEU B 376 30.46 -0.67 -1.21
N ARG B 377 31.73 -1.12 -1.17
CA ARG B 377 32.82 -0.31 -1.77
C ARG B 377 32.56 -0.07 -3.28
N GLY B 378 32.24 -1.12 -4.02
CA GLY B 378 32.04 -0.98 -5.48
C GLY B 378 30.97 0.04 -5.81
N ILE B 379 29.82 -0.07 -5.11
CA ILE B 379 28.73 0.82 -5.45
C ILE B 379 29.03 2.24 -5.01
N ILE B 380 29.90 2.44 -4.02
CA ILE B 380 30.21 3.84 -3.62
C ILE B 380 31.15 4.44 -4.66
N GLU B 381 32.17 3.64 -5.04
CA GLU B 381 33.09 4.06 -6.13
C GLU B 381 32.29 4.31 -7.43
N GLU B 382 31.25 3.52 -7.70
CA GLU B 382 30.41 3.81 -8.87
C GLU B 382 29.73 5.17 -8.74
N LEU B 383 29.11 5.42 -7.59
CA LEU B 383 28.51 6.75 -7.26
C LEU B 383 29.51 7.88 -7.50
N LEU B 384 30.75 7.72 -6.98
CA LEU B 384 31.80 8.78 -7.15
C LEU B 384 32.17 8.91 -8.64
N TRP B 385 32.19 7.81 -9.37
CA TRP B 385 32.53 7.87 -10.78
C TRP B 385 31.45 8.65 -11.56
N PHE B 386 30.17 8.31 -11.37
CA PHE B 386 29.03 9.06 -11.83
C PHE B 386 29.13 10.55 -11.46
N ILE B 387 29.47 10.89 -10.22
CA ILE B 387 29.41 12.33 -9.86
C ILE B 387 30.47 13.11 -10.65
N ARG B 388 31.60 12.48 -10.90
CA ARG B 388 32.69 13.07 -11.71
C ARG B 388 32.38 13.14 -13.22
N GLY B 389 31.32 12.51 -13.76
CA GLY B 389 30.99 12.73 -15.24
C GLY B 389 31.60 11.67 -16.15
N GLU B 390 32.19 10.65 -15.53
CA GLU B 390 33.08 9.75 -16.19
C GLU B 390 32.21 8.79 -16.96
N THR B 391 32.71 8.34 -18.11
CA THR B 391 32.23 7.19 -18.83
C THR B 391 33.32 6.16 -19.13
N ASN B 392 34.46 6.24 -18.47
CA ASN B 392 35.55 5.35 -18.72
C ASN B 392 35.52 4.18 -17.74
N GLY B 393 35.34 3.00 -18.31
CA GLY B 393 35.14 1.76 -17.55
C GLY B 393 36.41 1.32 -16.84
N ASN B 394 37.58 1.70 -17.36
CA ASN B 394 38.85 1.29 -16.77
C ASN B 394 39.06 1.92 -15.39
N THR B 395 38.56 3.13 -15.15
CA THR B 395 38.74 3.75 -13.86
C THR B 395 38.21 2.86 -12.74
N LEU B 396 37.11 2.13 -13.01
CA LEU B 396 36.55 1.19 -12.04
C LEU B 396 37.35 -0.13 -12.03
N LEU B 397 37.73 -0.67 -13.19
CA LEU B 397 38.48 -1.95 -13.23
C LEU B 397 39.84 -1.84 -12.54
N ASN B 398 40.52 -0.69 -12.64
CA ASN B 398 41.80 -0.41 -11.92
C ASN B 398 41.59 -0.12 -10.41
N LYS B 399 40.35 -0.10 -9.91
CA LYS B 399 40.07 -0.20 -8.49
C LYS B 399 39.37 -1.52 -8.16
N ASN B 400 39.24 -2.41 -9.13
CA ASN B 400 38.67 -3.76 -8.86
C ASN B 400 37.18 -3.69 -8.53
N VAL B 401 36.51 -2.70 -9.07
CA VAL B 401 35.08 -2.66 -9.14
C VAL B 401 34.68 -3.18 -10.52
N ARG B 402 34.01 -4.33 -10.57
CA ARG B 402 33.70 -5.02 -11.87
C ARG B 402 32.21 -4.83 -12.26
N ILE B 403 31.49 -3.96 -11.59
CA ILE B 403 30.11 -3.68 -11.93
C ILE B 403 29.91 -3.46 -13.44
N TRP B 404 30.76 -2.72 -14.12
CA TRP B 404 30.44 -2.36 -15.50
C TRP B 404 31.30 -3.13 -16.49
N GLU B 405 31.91 -4.20 -16.04
CA GLU B 405 32.85 -4.93 -16.85
C GLU B 405 32.14 -5.59 -18.05
N ALA B 406 31.14 -6.39 -17.78
CA ALA B 406 30.59 -7.16 -18.87
C ALA B 406 30.11 -6.18 -19.95
N ASN B 407 29.75 -4.94 -19.59
CA ASN B 407 29.05 -4.07 -20.54
C ASN B 407 30.06 -3.30 -21.42
N GLY B 408 31.35 -3.49 -21.21
CA GLY B 408 32.36 -2.73 -21.88
C GLY B 408 33.22 -3.64 -22.76
N THR B 409 32.78 -4.90 -22.94
CA THR B 409 33.54 -5.86 -23.75
C THR B 409 33.33 -5.57 -25.22
N ARG B 410 34.40 -5.87 -25.98
CA ARG B 410 34.39 -5.93 -27.47
C ARG B 410 33.09 -6.62 -27.93
N GLU B 411 32.88 -7.84 -27.37
CA GLU B 411 31.75 -8.73 -27.66
C GLU B 411 30.45 -7.97 -27.41
N PHE B 412 30.32 -7.37 -26.23
CA PHE B 412 29.08 -6.74 -25.83
C PHE B 412 28.87 -5.43 -26.62
N LEU B 413 29.93 -4.65 -26.77
CA LEU B 413 29.81 -3.44 -27.52
C LEU B 413 29.47 -3.77 -28.97
N ASP B 414 30.01 -4.87 -29.48
CA ASP B 414 29.79 -5.24 -30.89
C ASP B 414 28.34 -5.64 -31.06
N ASN B 415 27.82 -6.41 -30.12
CA ASN B 415 26.38 -6.78 -30.13
C ASN B 415 25.51 -5.52 -30.08
N ARG B 416 25.94 -4.42 -29.47
CA ARG B 416 25.15 -3.20 -29.52
C ARG B 416 25.36 -2.42 -30.81
N LYS B 417 26.12 -2.93 -31.76
CA LYS B 417 26.37 -2.27 -33.08
C LYS B 417 27.30 -1.05 -32.91
N LEU B 418 28.08 -1.03 -31.85
CA LEU B 418 28.96 0.06 -31.57
C LEU B 418 30.39 -0.38 -31.95
N PHE B 419 30.55 -0.69 -33.22
CA PHE B 419 31.83 -1.31 -33.69
C PHE B 419 33.02 -0.34 -33.61
N HIS B 420 32.81 0.97 -33.55
CA HIS B 420 33.88 1.97 -33.58
C HIS B 420 34.08 2.55 -32.20
N ARG B 421 33.66 1.80 -31.16
CA ARG B 421 33.87 2.21 -29.79
C ARG B 421 34.96 1.33 -29.15
N GLU B 422 35.91 1.98 -28.55
CA GLU B 422 36.94 1.35 -27.77
C GLU B 422 36.36 0.59 -26.58
N VAL B 423 37.03 -0.52 -26.24
CA VAL B 423 36.65 -1.39 -25.11
C VAL B 423 36.56 -0.53 -23.84
N ASN B 424 35.46 -0.68 -23.08
CA ASN B 424 35.30 -0.03 -21.82
C ASN B 424 34.89 1.45 -22.00
N ASP B 425 34.76 1.97 -23.21
CA ASP B 425 34.09 3.25 -23.42
C ASP B 425 32.58 3.00 -23.43
N LEU B 426 31.92 3.29 -22.32
CA LEU B 426 30.56 2.88 -22.08
C LEU B 426 29.59 3.87 -22.69
N GLY B 427 30.07 4.90 -23.34
CA GLY B 427 29.17 5.84 -24.04
C GLY B 427 28.63 6.89 -23.08
N PRO B 428 27.64 7.64 -23.53
CA PRO B 428 27.07 8.72 -22.71
C PRO B 428 26.08 8.21 -21.67
N ILE B 429 26.59 7.45 -20.68
CA ILE B 429 25.76 6.83 -19.60
C ILE B 429 25.59 7.83 -18.42
N TYR B 430 25.00 7.34 -17.32
CA TYR B 430 24.53 8.15 -16.22
C TYR B 430 25.41 9.38 -15.94
N GLY B 431 26.72 9.18 -15.70
CA GLY B 431 27.71 10.24 -15.39
C GLY B 431 27.69 11.42 -16.37
N PHE B 432 27.79 11.08 -17.64
CA PHE B 432 27.75 12.01 -18.72
C PHE B 432 26.42 12.77 -18.73
N GLN B 433 25.34 12.06 -18.47
CA GLN B 433 24.05 12.73 -18.58
C GLN B 433 23.85 13.67 -17.36
N TRP B 434 24.20 13.22 -16.17
CA TRP B 434 24.21 14.04 -14.95
C TRP B 434 25.01 15.35 -15.14
N ARG B 435 26.11 15.34 -15.91
CA ARG B 435 26.98 16.51 -15.95
C ARG B 435 26.99 17.21 -17.32
N HIS B 436 26.47 16.59 -18.38
CA HIS B 436 26.64 17.10 -19.73
C HIS B 436 25.44 16.74 -20.65
N PHE B 437 24.28 16.59 -20.06
CA PHE B 437 23.12 16.19 -20.74
C PHE B 437 22.96 17.03 -21.99
N GLY B 438 22.97 16.39 -23.16
CA GLY B 438 22.65 17.06 -24.42
C GLY B 438 23.90 17.42 -25.21
N ALA B 439 25.08 17.27 -24.63
CA ALA B 439 26.25 17.56 -25.41
C ALA B 439 26.46 16.39 -26.41
N GLU B 440 27.42 16.54 -27.33
CA GLU B 440 27.79 15.56 -28.36
C GLU B 440 28.84 14.61 -27.79
N TYR B 441 28.55 13.33 -27.71
CA TYR B 441 29.58 12.45 -27.17
C TYR B 441 30.57 12.08 -28.28
N THR B 442 31.85 11.99 -27.91
CA THR B 442 32.91 11.66 -28.88
C THR B 442 33.64 10.45 -28.33
N ASN B 443 34.44 10.68 -27.32
CA ASN B 443 35.06 9.53 -26.70
C ASN B 443 35.23 9.84 -25.20
N MET B 444 35.51 8.80 -24.47
CA MET B 444 35.63 8.87 -23.02
C MET B 444 36.82 9.69 -22.59
N TYR B 445 37.73 10.06 -23.48
CA TYR B 445 38.84 10.91 -23.05
C TYR B 445 38.57 12.35 -23.46
N ASP B 446 37.49 12.66 -24.14
CA ASP B 446 37.36 14.10 -24.60
C ASP B 446 37.08 15.03 -23.39
N ASN B 447 37.19 16.29 -23.66
CA ASN B 447 37.08 17.26 -22.64
C ASN B 447 35.70 17.89 -22.80
N TYR B 448 34.83 17.69 -21.81
CA TYR B 448 33.46 18.16 -21.89
C TYR B 448 33.22 19.33 -20.90
N GLU B 449 34.26 19.83 -20.24
CA GLU B 449 34.13 20.98 -19.30
C GLU B 449 33.23 22.01 -19.98
N ASN B 450 32.12 22.34 -19.29
CA ASN B 450 31.19 23.39 -19.63
C ASN B 450 30.40 23.02 -20.89
N LYS B 451 30.25 21.74 -21.25
CA LYS B 451 29.28 21.42 -22.37
C LYS B 451 28.13 20.54 -21.85
N GLY B 452 26.94 20.82 -22.37
CA GLY B 452 25.73 20.15 -21.87
C GLY B 452 25.16 20.82 -20.62
N VAL B 453 24.15 20.22 -20.03
CA VAL B 453 23.49 20.78 -18.86
C VAL B 453 24.02 20.02 -17.64
N ASP B 454 24.47 20.77 -16.65
CA ASP B 454 25.01 20.18 -15.44
C ASP B 454 23.84 19.94 -14.46
N GLN B 455 23.02 18.97 -14.76
CA GLN B 455 21.89 18.61 -13.94
C GLN B 455 22.29 18.41 -12.48
N LEU B 456 23.39 17.76 -12.21
CA LEU B 456 23.68 17.57 -10.83
C LEU B 456 23.82 18.97 -10.19
N LYS B 457 24.70 19.82 -10.74
CA LYS B 457 24.86 21.17 -10.21
C LYS B 457 23.49 21.85 -10.08
N ASN B 458 22.62 21.79 -11.11
CA ASN B 458 21.35 22.52 -11.07
C ASN B 458 20.49 22.03 -9.91
N ILE B 459 20.38 20.70 -9.63
CA ILE B 459 19.48 20.29 -8.57
C ILE B 459 20.03 20.75 -7.21
N ILE B 460 21.33 20.83 -7.08
CA ILE B 460 21.84 21.23 -5.84
C ILE B 460 21.47 22.70 -5.60
N ASN B 461 21.50 23.55 -6.62
CA ASN B 461 21.17 24.96 -6.42
C ASN B 461 19.68 25.05 -6.10
N LEU B 462 18.85 24.22 -6.72
CA LEU B 462 17.38 24.26 -6.49
C LEU B 462 17.07 23.78 -5.06
N ILE B 463 17.82 22.84 -4.53
CA ILE B 463 17.50 22.34 -3.16
C ILE B 463 17.83 23.41 -2.10
N LYS B 464 18.98 24.06 -2.29
CA LYS B 464 19.51 25.11 -1.47
C LYS B 464 18.70 26.42 -1.55
N ASN B 465 18.34 26.85 -2.77
CA ASN B 465 17.82 28.21 -2.94
C ASN B 465 16.36 28.23 -3.37
N ASP B 466 15.76 27.09 -3.76
CA ASP B 466 14.28 27.04 -4.08
C ASP B 466 13.72 25.65 -3.73
N PRO B 467 13.87 25.22 -2.48
CA PRO B 467 13.53 23.90 -2.02
C PRO B 467 12.07 23.49 -2.22
N THR B 468 11.15 24.44 -2.44
CA THR B 468 9.76 24.13 -2.68
C THR B 468 9.46 24.01 -4.16
N SER B 469 10.48 24.15 -5.05
CA SER B 469 10.35 23.76 -6.50
C SER B 469 9.85 22.30 -6.61
N ARG B 470 8.99 22.05 -7.57
CA ARG B 470 8.61 20.69 -7.99
C ARG B 470 9.33 20.29 -9.30
N ARG B 471 10.48 20.91 -9.64
CA ARG B 471 11.22 20.65 -10.85
C ARG B 471 12.62 20.18 -10.48
N ILE B 472 12.80 19.72 -9.28
CA ILE B 472 14.06 19.20 -8.90
C ILE B 472 14.11 17.71 -9.28
N LEU B 473 14.57 17.42 -10.49
CA LEU B 473 14.68 16.05 -11.04
C LEU B 473 16.02 15.93 -11.70
N LEU B 474 16.65 14.76 -11.61
CA LEU B 474 17.88 14.40 -12.27
C LEU B 474 17.53 13.25 -13.25
N CYS B 475 17.54 13.46 -14.58
CA CYS B 475 17.10 12.38 -15.53
C CYS B 475 18.33 11.84 -16.26
N ALA B 476 18.45 10.54 -16.35
CA ALA B 476 19.48 9.87 -17.10
C ALA B 476 18.93 9.28 -18.40
N TRP B 477 17.65 9.33 -18.66
CA TRP B 477 17.12 8.70 -19.88
C TRP B 477 17.04 9.77 -20.98
N ASN B 478 18.14 9.94 -21.70
CA ASN B 478 18.25 10.86 -22.85
C ASN B 478 17.91 10.07 -24.12
N VAL B 479 16.74 10.31 -24.68
CA VAL B 479 16.21 9.56 -25.80
C VAL B 479 17.19 9.67 -27.00
N LYS B 480 17.86 10.81 -27.15
CA LYS B 480 18.76 10.96 -28.28
C LYS B 480 20.05 10.14 -28.15
N ASP B 481 20.50 9.82 -26.95
CA ASP B 481 21.78 9.16 -26.84
C ASP B 481 21.60 7.68 -26.53
N LEU B 482 20.36 7.19 -26.45
CA LEU B 482 20.11 5.82 -25.89
C LEU B 482 21.01 4.79 -26.57
N ASP B 483 20.86 4.69 -27.88
CA ASP B 483 21.57 3.71 -28.73
C ASP B 483 23.10 3.88 -28.73
N GLN B 484 23.63 5.06 -28.29
CA GLN B 484 25.08 5.26 -28.11
C GLN B 484 25.61 4.75 -26.77
N MET B 485 24.70 4.38 -25.86
CA MET B 485 25.07 3.89 -24.53
C MET B 485 25.35 2.38 -24.62
N ALA B 486 26.33 1.90 -23.87
CA ALA B 486 26.56 0.45 -23.74
C ALA B 486 25.24 -0.26 -23.48
N LEU B 487 24.57 0.16 -22.40
CA LEU B 487 23.14 -0.14 -22.29
C LEU B 487 22.37 1.02 -21.69
N PRO B 488 21.06 1.02 -21.95
CA PRO B 488 20.28 2.13 -21.51
C PRO B 488 20.05 2.07 -19.99
N PRO B 489 19.97 3.25 -19.37
CA PRO B 489 19.87 3.28 -17.95
C PRO B 489 18.63 2.55 -17.41
N CYS B 490 18.82 1.84 -16.28
CA CYS B 490 17.73 1.26 -15.51
C CYS B 490 17.14 2.29 -14.54
N HIS B 491 17.98 3.23 -14.05
CA HIS B 491 17.58 4.26 -13.11
C HIS B 491 17.26 5.55 -13.86
N ILE B 492 15.99 5.66 -14.19
CA ILE B 492 15.57 6.59 -15.13
C ILE B 492 15.81 7.96 -14.55
N LEU B 493 15.32 8.22 -13.37
CA LEU B 493 15.36 9.56 -12.80
C LEU B 493 15.21 9.49 -11.30
N CYS B 494 15.79 10.44 -10.57
CA CYS B 494 15.25 10.72 -9.25
C CYS B 494 14.81 12.15 -9.11
N GLN B 495 13.76 12.22 -8.30
CA GLN B 495 13.21 13.47 -7.89
C GLN B 495 13.45 13.71 -6.40
N PHE B 496 13.64 14.99 -6.09
CA PHE B 496 13.94 15.46 -4.70
C PHE B 496 12.78 16.29 -4.15
N TYR B 497 12.59 16.22 -2.84
CA TYR B 497 11.53 17.02 -2.12
C TYR B 497 12.13 17.46 -0.79
N VAL B 498 11.90 18.69 -0.40
CA VAL B 498 12.42 19.26 0.85
C VAL B 498 11.27 19.75 1.74
N PHE B 499 11.20 19.31 2.98
CA PHE B 499 10.35 20.02 3.99
C PHE B 499 11.05 20.05 5.35
N ASP B 500 10.80 21.17 6.04
CA ASP B 500 11.25 21.42 7.39
C ASP B 500 12.69 20.97 7.58
N GLY B 501 13.56 21.43 6.70
CA GLY B 501 15.03 21.07 6.83
C GLY B 501 15.39 19.62 6.51
N LYS B 502 14.47 18.85 5.94
CA LYS B 502 14.69 17.44 5.60
C LYS B 502 14.47 17.22 4.09
N LEU B 503 15.26 16.31 3.53
CA LEU B 503 15.26 15.94 2.06
C LEU B 503 14.78 14.51 1.87
N SER B 504 13.85 14.33 0.98
CA SER B 504 13.56 12.98 0.52
C SER B 504 13.83 12.89 -0.98
N CYS B 505 13.94 11.62 -1.46
CA CYS B 505 14.26 11.26 -2.84
C CYS B 505 13.35 10.14 -3.34
N ILE B 506 12.72 10.35 -4.49
CA ILE B 506 12.18 9.26 -5.30
C ILE B 506 13.17 8.88 -6.40
N MET B 507 13.29 7.59 -6.67
CA MET B 507 13.97 7.09 -7.80
C MET B 507 13.02 6.13 -8.54
N TYR B 508 12.90 6.33 -9.85
CA TYR B 508 12.09 5.42 -10.68
C TYR B 508 13.01 4.48 -11.44
N GLN B 509 12.68 3.20 -11.43
CA GLN B 509 13.54 2.21 -12.00
C GLN B 509 12.71 1.40 -13.00
N ARG B 510 13.08 1.47 -14.29
CA ARG B 510 12.28 0.86 -15.40
C ARG B 510 12.37 -0.66 -15.38
N SER B 511 13.45 -1.17 -14.83
CA SER B 511 13.73 -2.63 -14.88
C SER B 511 14.43 -3.06 -13.60
N CYS B 512 13.88 -4.03 -12.91
CA CYS B 512 14.40 -4.28 -11.57
C CYS B 512 14.66 -5.77 -11.38
N ASP B 513 15.94 -6.14 -11.17
CA ASP B 513 16.29 -7.50 -10.92
C ASP B 513 16.28 -7.63 -9.41
N LEU B 514 15.18 -8.22 -8.91
CA LEU B 514 14.99 -8.28 -7.46
C LEU B 514 16.05 -9.13 -6.76
N GLY B 515 16.54 -10.17 -7.44
CA GLY B 515 17.45 -11.10 -6.79
C GLY B 515 18.86 -10.52 -6.67
N LEU B 516 19.38 -9.89 -7.72
CA LEU B 516 20.70 -9.34 -7.64
C LEU B 516 20.72 -7.81 -7.61
N GLY B 517 19.99 -7.11 -8.47
CA GLY B 517 20.14 -5.66 -8.60
C GLY B 517 19.52 -4.82 -7.46
N VAL B 518 18.23 -4.98 -7.18
CA VAL B 518 17.52 -4.12 -6.29
C VAL B 518 18.23 -3.95 -4.94
N PRO B 519 18.88 -4.98 -4.39
CA PRO B 519 19.49 -4.75 -3.10
C PRO B 519 20.57 -3.69 -3.13
N PHE B 520 21.35 -3.70 -4.20
CA PHE B 520 22.44 -2.70 -4.32
C PHE B 520 21.82 -1.34 -4.65
N ASN B 521 20.75 -1.35 -5.40
CA ASN B 521 20.08 -0.14 -5.85
C ASN B 521 19.45 0.65 -4.67
N ILE B 522 18.74 -0.03 -3.78
CA ILE B 522 18.28 0.54 -2.55
C ILE B 522 19.44 1.27 -1.85
N ALA B 523 20.56 0.58 -1.61
CA ALA B 523 21.69 1.14 -0.85
C ALA B 523 22.33 2.31 -1.58
N SER B 524 22.45 2.18 -2.89
CA SER B 524 23.14 3.15 -3.74
C SER B 524 22.42 4.53 -3.68
N TYR B 525 21.11 4.55 -3.94
CA TYR B 525 20.46 5.79 -3.90
C TYR B 525 20.16 6.23 -2.46
N SER B 526 20.18 5.35 -1.46
CA SER B 526 20.08 5.76 -0.07
C SER B 526 21.34 6.53 0.35
N ILE B 527 22.50 6.14 -0.10
CA ILE B 527 23.74 6.89 0.18
C ILE B 527 23.65 8.23 -0.55
N PHE B 528 23.28 8.17 -1.79
CA PHE B 528 23.31 9.36 -2.54
C PHE B 528 22.43 10.39 -1.87
N THR B 529 21.31 9.95 -1.29
CA THR B 529 20.36 10.88 -0.69
C THR B 529 21.02 11.51 0.53
N HIS B 530 21.77 10.71 1.26
CA HIS B 530 22.57 11.23 2.36
C HIS B 530 23.55 12.30 1.87
N MET B 531 24.35 11.94 0.88
CA MET B 531 25.36 12.86 0.26
C MET B 531 24.70 14.19 -0.16
N ILE B 532 23.58 14.15 -0.86
CA ILE B 532 22.98 15.43 -1.31
C ILE B 532 22.50 16.23 -0.10
N ALA B 533 21.92 15.54 0.88
CA ALA B 533 21.30 16.19 2.04
C ALA B 533 22.39 16.96 2.78
N GLN B 534 23.47 16.26 3.12
CA GLN B 534 24.61 16.92 3.83
C GLN B 534 25.17 18.15 3.13
N VAL B 535 25.39 18.11 1.80
CA VAL B 535 26.03 19.23 1.10
C VAL B 535 24.99 20.34 0.84
N CYS B 536 23.70 20.08 1.14
CA CYS B 536 22.70 21.17 1.16
C CYS B 536 22.24 21.49 2.60
N ASN B 537 22.98 21.00 3.62
CA ASN B 537 22.67 21.24 5.11
C ASN B 537 21.21 20.88 5.46
N LEU B 538 20.86 19.69 5.08
CA LEU B 538 19.59 19.13 5.41
C LEU B 538 19.87 17.75 5.94
N GLN B 539 18.83 17.16 6.45
CA GLN B 539 18.84 15.82 7.05
C GLN B 539 18.10 14.89 6.09
N PRO B 540 18.68 13.78 5.79
CA PRO B 540 17.87 12.81 5.07
C PRO B 540 16.54 12.50 5.77
N ALA B 541 15.51 12.27 5.00
CA ALA B 541 14.25 11.72 5.49
C ALA B 541 13.96 10.34 4.84
N GLN B 542 13.15 10.34 3.80
CA GLN B 542 12.78 9.11 3.18
C GLN B 542 13.45 8.91 1.80
N PHE B 543 14.00 7.74 1.53
CA PHE B 543 14.26 7.31 0.12
C PHE B 543 13.07 6.48 -0.41
N ILE B 544 12.41 6.95 -1.47
CA ILE B 544 11.27 6.20 -2.02
C ILE B 544 11.64 5.54 -3.37
N HIS B 545 11.43 4.25 -3.48
CA HIS B 545 11.93 3.50 -4.65
C HIS B 545 10.76 2.94 -5.43
N VAL B 546 10.63 3.40 -6.64
CA VAL B 546 9.51 2.99 -7.46
C VAL B 546 10.03 1.99 -8.50
N LEU B 547 9.33 0.87 -8.59
CA LEU B 547 9.73 -0.20 -9.47
C LEU B 547 8.72 -0.34 -10.58
N GLY B 548 9.23 -0.44 -11.80
CA GLY B 548 8.45 -0.60 -13.02
C GLY B 548 8.34 -2.08 -13.38
N ASN B 549 9.17 -2.54 -14.33
CA ASN B 549 9.24 -3.97 -14.63
C ASN B 549 10.06 -4.65 -13.53
N ALA B 550 9.35 -5.36 -12.66
CA ALA B 550 9.96 -5.93 -11.48
C ALA B 550 9.99 -7.43 -11.70
N HIS B 551 11.17 -8.02 -11.68
CA HIS B 551 11.31 -9.38 -12.14
C HIS B 551 12.25 -10.19 -11.25
N VAL B 552 11.83 -11.45 -11.15
CA VAL B 552 12.66 -12.48 -10.45
C VAL B 552 13.24 -13.45 -11.48
N TYR B 553 14.57 -13.54 -11.52
CA TYR B 553 15.18 -14.39 -12.61
C TYR B 553 14.99 -15.86 -12.18
N ASN B 554 14.52 -16.71 -13.10
CA ASN B 554 14.24 -18.13 -12.89
C ASN B 554 15.40 -18.83 -12.18
N ASN B 555 16.64 -18.46 -12.47
CA ASN B 555 17.82 -19.10 -11.81
C ASN B 555 18.00 -18.66 -10.35
N HIS B 556 17.17 -17.74 -9.87
CA HIS B 556 17.41 -17.18 -8.57
C HIS B 556 16.33 -17.70 -7.63
N ILE B 557 15.37 -18.40 -8.21
CA ILE B 557 14.25 -18.87 -7.43
C ILE B 557 14.75 -19.65 -6.20
N ASP B 558 15.65 -20.59 -6.36
CA ASP B 558 15.90 -21.46 -5.23
C ASP B 558 16.47 -20.61 -4.09
N SER B 559 17.37 -19.70 -4.43
CA SER B 559 18.13 -18.88 -3.47
C SER B 559 17.20 -17.91 -2.68
N LEU B 560 16.24 -17.34 -3.36
CA LEU B 560 15.37 -16.46 -2.75
C LEU B 560 14.53 -17.23 -1.73
N LYS B 561 14.04 -18.44 -2.11
CA LYS B 561 13.32 -19.37 -1.19
C LYS B 561 14.05 -19.49 0.16
N ILE B 562 15.35 -19.68 0.11
CA ILE B 562 16.16 -19.72 1.31
C ILE B 562 16.07 -18.37 2.02
N GLN B 563 16.41 -17.31 1.28
CA GLN B 563 16.46 -15.97 1.81
C GLN B 563 15.13 -15.56 2.42
N LEU B 564 14.01 -15.78 1.74
CA LEU B 564 12.72 -15.33 2.33
C LEU B 564 12.39 -16.03 3.66
N ASN B 565 12.96 -17.21 3.90
CA ASN B 565 12.81 -17.94 5.18
C ASN B 565 13.84 -17.44 6.22
N ARG B 566 14.53 -16.29 6.07
CA ARG B 566 15.40 -15.75 7.17
C ARG B 566 14.79 -14.49 7.79
N ILE B 567 15.19 -14.22 9.04
CA ILE B 567 14.52 -13.23 9.78
C ILE B 567 15.47 -12.06 9.89
N PRO B 568 15.02 -10.86 9.47
CA PRO B 568 15.88 -9.73 9.44
C PRO B 568 16.45 -9.45 10.83
N TYR B 569 17.66 -8.92 10.84
CA TYR B 569 18.30 -8.28 11.97
C TYR B 569 18.07 -6.78 11.90
N PRO B 570 18.25 -6.07 13.00
CA PRO B 570 18.03 -4.64 12.93
C PRO B 570 19.08 -4.06 11.99
N PHE B 571 18.71 -3.02 11.28
CA PHE B 571 19.55 -2.43 10.24
C PHE B 571 20.76 -1.71 10.82
N PRO B 572 21.85 -1.65 10.04
CA PRO B 572 23.05 -0.84 10.33
C PRO B 572 22.74 0.65 10.20
N THR B 573 23.77 1.51 10.31
CA THR B 573 23.64 2.99 10.05
C THR B 573 24.79 3.44 9.13
N LEU B 574 24.59 4.56 8.44
CA LEU B 574 25.65 5.10 7.58
C LEU B 574 26.14 6.42 8.17
N LYS B 575 27.46 6.52 8.30
CA LYS B 575 28.10 7.78 8.69
C LYS B 575 28.96 8.32 7.53
N LEU B 576 28.74 9.59 7.22
CA LEU B 576 29.63 10.42 6.38
C LEU B 576 30.47 11.38 7.26
N ASN B 577 31.72 11.56 6.83
CA ASN B 577 32.54 12.63 7.24
C ASN B 577 31.81 13.98 7.15
N PRO B 578 31.74 14.74 8.25
CA PRO B 578 30.90 15.92 8.23
C PRO B 578 31.59 17.15 7.65
N ASP B 579 32.90 17.08 7.38
CA ASP B 579 33.63 18.25 6.82
C ASP B 579 33.19 18.50 5.38
N ILE B 580 32.75 17.42 4.70
CA ILE B 580 32.49 17.43 3.26
C ILE B 580 31.20 18.22 2.99
N LYS B 581 31.34 19.27 2.20
CA LYS B 581 30.36 20.33 2.03
C LYS B 581 30.08 20.59 0.54
N ASN B 582 30.70 19.83 -0.36
CA ASN B 582 30.36 19.86 -1.79
C ASN B 582 30.38 18.43 -2.31
N ILE B 583 29.42 18.19 -3.19
CA ILE B 583 29.20 16.89 -3.76
C ILE B 583 30.41 16.37 -4.53
N GLU B 584 31.21 17.23 -5.13
CA GLU B 584 32.45 16.72 -5.76
C GLU B 584 33.48 16.20 -4.74
N ASP B 585 33.42 16.46 -3.43
CA ASP B 585 34.66 16.29 -2.53
C ASP B 585 34.72 14.95 -1.79
N PHE B 586 33.68 14.16 -1.94
CA PHE B 586 33.63 12.90 -1.27
C PHE B 586 34.71 11.97 -1.85
N THR B 587 35.28 11.17 -0.98
CA THR B 587 36.16 10.11 -1.32
C THR B 587 35.72 8.87 -0.55
N ILE B 588 36.23 7.71 -0.97
CA ILE B 588 35.79 6.38 -0.45
C ILE B 588 35.82 6.31 1.09
N SER B 589 36.81 6.99 1.64
CA SER B 589 37.15 6.95 3.07
C SER B 589 36.11 7.78 3.85
N ASP B 590 35.22 8.54 3.18
CA ASP B 590 34.31 9.41 3.93
C ASP B 590 32.99 8.68 4.26
N PHE B 591 32.94 7.34 4.17
CA PHE B 591 31.71 6.60 4.26
C PHE B 591 31.93 5.40 5.18
N THR B 592 31.20 5.34 6.30
CA THR B 592 31.41 4.26 7.24
C THR B 592 30.08 3.60 7.58
N ILE B 593 29.99 2.30 7.37
CA ILE B 593 28.86 1.48 7.77
C ILE B 593 29.09 0.97 9.22
N GLN B 594 28.14 1.20 10.13
CA GLN B 594 28.27 0.81 11.50
C GLN B 594 27.24 -0.27 11.85
N ASN B 595 27.68 -1.31 12.54
CA ASN B 595 26.79 -2.29 13.14
C ASN B 595 25.96 -3.05 12.08
N TYR B 596 26.65 -3.52 11.06
CA TYR B 596 26.06 -4.32 10.13
C TYR B 596 26.04 -5.74 10.66
N VAL B 597 24.84 -6.17 11.04
CA VAL B 597 24.55 -7.53 11.37
C VAL B 597 23.82 -8.16 10.19
N HIS B 598 24.24 -9.35 9.78
CA HIS B 598 23.66 -10.00 8.59
C HIS B 598 23.76 -11.53 8.66
N HIS B 599 22.85 -12.20 7.95
CA HIS B 599 22.96 -13.64 7.56
C HIS B 599 24.16 -13.84 6.62
N GLU B 600 24.39 -15.09 6.21
CA GLU B 600 25.60 -15.44 5.49
C GLU B 600 25.38 -15.05 4.02
N LYS B 601 26.46 -15.00 3.25
CA LYS B 601 26.33 -14.70 1.86
C LYS B 601 25.46 -15.77 1.14
N ILE B 602 24.77 -15.34 0.07
CA ILE B 602 24.06 -16.26 -0.87
C ILE B 602 24.52 -15.94 -2.31
N SER B 603 25.07 -16.95 -3.00
CA SER B 603 25.25 -16.93 -4.45
C SER B 603 23.89 -17.17 -5.10
N MET B 604 23.40 -16.15 -5.83
CA MET B 604 22.00 -16.10 -6.30
C MET B 604 21.89 -16.99 -7.54
N ASP B 605 22.90 -16.84 -8.39
CA ASP B 605 23.31 -17.88 -9.31
C ASP B 605 23.97 -18.98 -8.47
N MET B 606 23.30 -20.15 -8.31
CA MET B 606 23.92 -21.32 -7.59
C MET B 606 24.44 -22.37 -8.63
N ALA B 607 24.73 -21.89 -9.87
CA ALA B 607 25.38 -22.69 -10.98
C ALA B 607 26.86 -22.93 -10.63
N ALA B 608 27.61 -21.83 -10.40
CA ALA B 608 28.93 -21.85 -9.70
C ALA B 608 28.79 -21.15 -8.34
N37 9RR C . -28.68 -8.78 -5.89
C31 9RR C . -29.84 -9.33 -6.32
N30 9RR C . -30.89 -9.31 -5.46
C29 9RR C . -32.09 -9.90 -5.77
N36 9RR C . -33.21 -9.84 -4.94
N32 9RR C . -29.92 -9.95 -7.52
C33 9RR C . -31.13 -10.52 -7.94
C34 9RR C . -31.32 -11.19 -9.28
C35 9RR C . -30.29 -12.34 -9.17
C28 9RR C . -32.26 -10.50 -7.04
C25 9RR C . -33.54 -11.13 -7.43
C24 9RR C . -34.45 -10.49 -8.22
C23 9RR C . -35.63 -11.13 -8.65
C26 9RR C . -33.84 -12.45 -7.04
C27 9RR C . -35.03 -13.10 -7.47
C22 9RR C . -35.95 -12.45 -8.29
O21 9RR C . -37.12 -13.10 -8.73
C20 9RR C . -37.69 -12.48 -9.97
C19 9RR C . -37.48 -13.58 -11.01
C18 9RR C . -36.51 -13.11 -12.07
O17 9RR C . -35.31 -13.36 -11.37
C14 9RR C . -34.58 -14.54 -11.53
C13 9RR C . -33.36 -14.55 -10.88
C12 9RR C . -32.56 -15.63 -11.02
C15 9RR C . -35.01 -15.68 -12.21
C16 9RR C . -34.20 -16.79 -12.29
C11 9RR C . -32.94 -16.78 -11.72
C5 9RR C . -31.97 -17.95 -11.79
C6 9RR C . -31.69 -18.78 -10.63
C9 9RR C . -32.49 -18.48 -9.41
C10 9RR C . -31.61 -17.99 -8.27
N1 9RR C . -30.75 -19.77 -10.65
C4 9RR C . -31.13 -18.20 -13.02
N8 9RR C . -31.27 -17.44 -14.14
N3 9RR C . -30.20 -19.24 -12.97
C2 9RR C . -30.06 -19.99 -11.79
N7 9RR C . -29.17 -21.00 -11.74
PA NAP D . -44.12 -9.12 -5.23
O1A NAP D . -44.06 -7.84 -4.25
O2A NAP D . -42.92 -10.16 -5.40
O5B NAP D . -45.39 -10.11 -4.78
C5B NAP D . -46.67 -9.45 -4.66
C4B NAP D . -47.59 -10.51 -4.10
O4B NAP D . -47.06 -10.96 -2.80
C3B NAP D . -49.04 -9.91 -3.98
O3B NAP D . -49.75 -10.27 -5.22
C2B NAP D . -49.47 -10.53 -2.64
O2B NAP D . -49.97 -11.86 -2.91
C1B NAP D . -48.16 -10.82 -1.83
N9A NAP D . -47.98 -9.88 -0.65
C8A NAP D . -47.30 -8.69 -0.48
N7A NAP D . -47.43 -8.20 0.82
C5A NAP D . -48.23 -9.08 1.48
C6A NAP D . -48.77 -9.21 2.83
N6A NAP D . -48.51 -8.28 3.78
N1A NAP D . -49.55 -10.28 3.12
C2A NAP D . -49.85 -11.27 2.22
N3A NAP D . -49.40 -11.25 0.95
C4A NAP D . -48.60 -10.17 0.53
O3 NAP D . -44.54 -8.64 -6.80
PN NAP D . -44.37 -7.03 -7.25
O1N NAP D . -45.44 -6.64 -8.34
O2N NAP D . -43.93 -6.08 -6.10
O5D NAP D . -43.10 -7.22 -8.32
C5D NAP D . -42.86 -8.50 -8.97
C4D NAP D . -41.77 -8.36 -10.06
O4D NAP D . -40.64 -7.45 -9.70
C3D NAP D . -41.13 -9.73 -10.40
O3D NAP D . -41.87 -10.44 -11.43
C2D NAP D . -39.63 -9.38 -10.76
O2D NAP D . -39.31 -9.21 -12.18
C1D NAP D . -39.30 -8.05 -10.03
N1N NAP D . -38.37 -8.17 -8.83
C2N NAP D . -37.02 -7.87 -8.96
C3N NAP D . -36.04 -7.90 -7.89
C7N NAP D . -34.48 -7.54 -8.06
O7N NAP D . -33.68 -7.64 -7.04
N7N NAP D . -33.99 -7.14 -9.33
C4N NAP D . -36.55 -8.25 -6.64
C5N NAP D . -37.88 -8.59 -6.55
C6N NAP D . -38.83 -8.53 -7.63
P2B NAP D . -51.41 -12.03 -3.62
O1X NAP D . -51.26 -11.52 -5.14
O2X NAP D . -51.55 -13.60 -3.68
O3X NAP D . -52.18 -11.13 -2.58
N1 UMP E . -0.41 20.20 -13.37
C2 UMP E . -1.11 18.98 -13.10
N3 UMP E . -1.50 18.16 -14.09
C4 UMP E . -1.27 18.54 -15.38
C5 UMP E . -0.62 19.74 -15.71
C6 UMP E . -0.23 20.59 -14.67
O2 UMP E . -1.33 18.66 -11.91
O4 UMP E . -1.64 17.87 -16.36
C1' UMP E . -0.07 21.13 -12.27
C2' UMP E . 0.83 20.64 -11.17
C3' UMP E . 1.29 21.99 -10.61
C4' UMP E . 1.43 22.91 -11.84
O3' UMP E . 0.30 22.54 -9.70
O4' UMP E . 0.46 22.40 -12.72
C5' UMP E . 2.83 22.92 -12.50
O5' UMP E . 3.64 23.41 -11.45
P UMP E . 5.16 23.26 -11.58
OP1 UMP E . 5.77 24.11 -10.51
OP2 UMP E . 5.27 21.86 -11.02
OP3 UMP E . 5.47 23.42 -13.04
N37 9RR F . 13.23 -4.37 27.21
C31 9RR F . 13.70 -4.25 28.45
N30 9RR F . 13.69 -5.35 29.20
C29 9RR F . 14.15 -5.32 30.45
N36 9RR F . 14.12 -6.43 31.17
N32 9RR F . 14.17 -3.08 28.89
C33 9RR F . 14.65 -2.91 30.12
C34 9RR F . 15.17 -1.59 30.58
C35 9RR F . 14.04 -0.66 30.90
C28 9RR F . 14.66 -4.09 31.00
C25 9RR F . 15.19 -4.10 32.38
C24 9RR F . 16.25 -4.96 32.55
C23 9RR F . 16.86 -5.09 33.77
C26 9RR F . 14.74 -3.35 33.46
C27 9RR F . 15.37 -3.48 34.69
C22 9RR F . 16.44 -4.35 34.84
O21 9RR F . 17.10 -4.55 36.00
C20 9RR F . 17.64 -3.51 36.79
C19 9RR F . 18.66 -2.74 35.99
C18 9RR F . 17.88 -1.67 35.29
O17 9RR F . 18.24 -0.46 35.90
C14 9RR F . 17.33 0.55 35.82
C13 9RR F . 16.10 0.27 35.29
C12 9RR F . 15.18 1.29 35.22
C15 9RR F . 17.64 1.81 36.27
C16 9RR F . 16.70 2.83 36.18
C11 9RR F . 15.47 2.55 35.67
C5 9RR F . 14.45 3.58 35.56
C6 9RR F . 13.07 3.29 35.91
C9 9RR F . 12.68 1.94 36.41
C10 9RR F . 12.34 1.00 35.30
N1 9RR F . 12.18 4.27 35.79
C4 9RR F . 14.76 4.91 35.09
N8 9RR F . 16.03 5.21 34.74
N3 9RR F . 13.78 5.80 35.00
C2 9RR F . 12.52 5.49 35.35
N7 9RR F . 11.57 6.42 35.25
N1 UMP G . 19.48 -4.09 -13.48
C2 UMP G . 19.12 -3.75 -12.16
N3 UMP G . 19.77 -2.78 -11.53
C4 UMP G . 20.76 -2.11 -12.12
C5 UMP G . 21.17 -2.40 -13.40
C6 UMP G . 20.52 -3.42 -14.08
O2 UMP G . 18.19 -4.28 -11.55
O4 UMP G . 21.36 -1.22 -11.50
C1' UMP G . 18.90 -5.18 -14.25
C2' UMP G . 17.45 -5.12 -14.70
C3' UMP G . 17.53 -6.15 -15.84
C4' UMP G . 18.85 -5.83 -16.56
O3' UMP G . 17.49 -7.53 -15.33
O4' UMP G . 19.62 -5.33 -15.51
C5' UMP G . 18.76 -4.74 -17.66
O5' UMP G . 17.97 -5.28 -18.69
P UMP G . 17.06 -4.50 -19.65
OP1 UMP G . 16.76 -5.52 -20.70
OP2 UMP G . 15.88 -4.22 -18.76
OP3 UMP G . 17.92 -3.31 -20.12
#